data_4PBQ
#
_entry.id   4PBQ
#
_cell.length_a   133.449
_cell.length_b   76.537
_cell.length_c   112.977
_cell.angle_alpha   90.000
_cell.angle_beta   114.010
_cell.angle_gamma   90.000
#
_symmetry.space_group_name_H-M   'C 1 2 1'
#
loop_
_entity.id
_entity.type
_entity.pdbx_description
1 polymer 'Putative TRAP PERIPLASMIC SOLUTE BINDING PROTEIN'
2 non-polymer L-gulonate
3 non-polymer 'SULFATE ION'
4 non-polymer '2-(N-MORPHOLINO)-ETHANESULFONIC ACID'
5 non-polymer DI(HYDROXYETHYL)ETHER
6 water water
#
_entity_poly.entity_id   1
_entity_poly.type   'polypeptide(L)'
_entity_poly.pdbx_seq_one_letter_code
;(MSE)HHHHHHSSGVDLGTENLYFQS(MSE)KTIIKLGHYNSDIHPSHIALQEYFKKTIENETNHKYEIRLYPNNQLGGE
DQIVNGLRNGTIEAGITGLLLQNVDPIFGVWEWPYLFKDNQEAKKVLESPIANKIGQK(MSE)EKYGIKLLAYG(MSE)N
GFRVISSNKKLEKFDDFKGLRLRVPLNSLFVDWAKA(MSE)NINPQS(MSE)PLSEVFTALEQKVIDGQENPY(MSE)LI
KDSGLYEVQKYIIQSNHIFSPGLLQISLKTWNKIPKEDQIIFEKAAKLYQEKEWELAIKTELEVKDYLAKHGNEIIVPSE
AFKND(MSE)VNASKVLYDSFYKKYDWAKDVVQKINEAK
;
_entity_poly.pdbx_strand_id   A,B,C
#
loop_
_chem_comp.id
_chem_comp.type
_chem_comp.name
_chem_comp.formula
2UF non-polymer L-gulonate 'C6 H12 O7'
MES non-polymer '2-(N-MORPHOLINO)-ETHANESULFONIC ACID' 'C6 H13 N O4 S'
PEG non-polymer DI(HYDROXYETHYL)ETHER 'C4 H10 O3'
SO4 non-polymer 'SULFATE ION' 'O4 S -2'
#
# COMPACT_ATOMS: atom_id res chain seq x y z
N LYS A 24 2.57 16.38 -29.63
CA LYS A 24 2.68 14.90 -29.57
C LYS A 24 2.20 14.35 -28.24
N THR A 25 1.25 13.41 -28.29
CA THR A 25 0.59 12.92 -27.07
C THR A 25 1.15 11.56 -26.68
N ILE A 26 1.65 11.46 -25.45
N ILE A 26 1.64 11.45 -25.45
CA ILE A 26 2.22 10.25 -24.93
CA ILE A 26 2.22 10.24 -24.96
C ILE A 26 1.23 9.57 -24.01
C ILE A 26 1.23 9.57 -24.02
N ILE A 27 0.77 8.39 -24.43
CA ILE A 27 -0.18 7.60 -23.65
C ILE A 27 0.52 6.39 -23.02
N LYS A 28 0.67 6.42 -21.69
CA LYS A 28 1.30 5.31 -21.00
C LYS A 28 0.21 4.28 -20.79
N LEU A 29 0.54 3.03 -21.07
CA LEU A 29 -0.42 1.92 -20.97
C LEU A 29 0.14 0.85 -20.06
N GLY A 30 -0.48 0.69 -18.89
CA GLY A 30 0.04 -0.24 -17.90
C GLY A 30 -0.84 -1.47 -17.73
N HIS A 31 -0.20 -2.60 -17.50
CA HIS A 31 -0.93 -3.82 -17.17
C HIS A 31 -0.09 -4.74 -16.30
N TYR A 32 -0.73 -5.80 -15.80
CA TYR A 32 -0.09 -6.72 -14.86
C TYR A 32 0.49 -8.02 -15.43
N ASN A 33 0.14 -8.32 -16.68
CA ASN A 33 0.64 -9.50 -17.36
C ASN A 33 2.09 -9.36 -17.87
N SER A 34 2.70 -10.50 -18.22
CA SER A 34 4.03 -10.57 -18.79
C SER A 34 4.10 -9.95 -20.17
N ASP A 35 5.30 -9.55 -20.59
CA ASP A 35 5.46 -9.07 -21.95
C ASP A 35 5.33 -10.13 -23.03
N ILE A 36 5.18 -11.40 -22.64
CA ILE A 36 4.89 -12.42 -23.62
C ILE A 36 3.46 -12.98 -23.48
N HIS A 37 2.67 -12.36 -22.61
CA HIS A 37 1.25 -12.68 -22.57
C HIS A 37 0.60 -12.26 -23.91
N PRO A 38 -0.41 -13.00 -24.38
CA PRO A 38 -1.06 -12.57 -25.63
C PRO A 38 -1.61 -11.13 -25.68
N SER A 39 -2.10 -10.63 -24.56
CA SER A 39 -2.51 -9.23 -24.46
C SER A 39 -1.37 -8.28 -24.81
N HIS A 40 -0.16 -8.57 -24.34
CA HIS A 40 0.94 -7.67 -24.59
C HIS A 40 1.36 -7.73 -26.05
N ILE A 41 1.45 -8.95 -26.55
CA ILE A 41 1.84 -9.17 -27.95
C ILE A 41 0.85 -8.49 -28.88
N ALA A 42 -0.44 -8.66 -28.61
CA ALA A 42 -1.48 -8.01 -29.41
C ALA A 42 -1.50 -6.48 -29.27
N LEU A 43 -1.21 -5.97 -28.07
CA LEU A 43 -1.05 -4.53 -27.87
C LEU A 43 0.08 -4.01 -28.75
N GLN A 44 1.20 -4.73 -28.75
CA GLN A 44 2.36 -4.30 -29.56
C GLN A 44 2.08 -4.28 -31.05
N GLU A 45 1.47 -5.34 -31.55
CA GLU A 45 1.38 -5.54 -33.00
C GLU A 45 0.17 -4.85 -33.61
N TYR A 46 -0.91 -4.72 -32.83
CA TYR A 46 -2.20 -4.30 -33.38
C TYR A 46 -2.68 -2.96 -32.81
N PHE A 47 -2.61 -2.78 -31.50
CA PHE A 47 -3.12 -1.56 -30.90
C PHE A 47 -2.12 -0.43 -31.11
N LYS A 48 -0.90 -0.63 -30.61
CA LYS A 48 0.15 0.38 -30.68
C LYS A 48 0.49 0.71 -32.11
N LYS A 49 0.78 -0.30 -32.91
CA LYS A 49 1.17 -0.04 -34.29
C LYS A 49 0.08 0.66 -35.08
N THR A 50 -1.17 0.21 -34.96
CA THR A 50 -2.24 0.85 -35.73
C THR A 50 -2.34 2.33 -35.39
N ILE A 51 -2.39 2.64 -34.10
CA ILE A 51 -2.54 4.02 -33.69
C ILE A 51 -1.34 4.87 -34.14
N GLU A 52 -0.14 4.39 -33.89
CA GLU A 52 1.04 5.23 -34.15
C GLU A 52 1.19 5.46 -35.66
N ASN A 53 0.96 4.42 -36.45
CA ASN A 53 1.06 4.59 -37.90
C ASN A 53 -0.07 5.42 -38.51
N GLU A 54 -1.29 5.12 -38.15
CA GLU A 54 -2.44 5.73 -38.81
C GLU A 54 -2.80 7.13 -38.29
N THR A 55 -2.11 7.60 -37.24
CA THR A 55 -2.27 8.98 -36.79
C THR A 55 -1.03 9.81 -37.09
N ASN A 56 -0.23 9.39 -38.06
CA ASN A 56 0.96 10.17 -38.41
C ASN A 56 1.83 10.40 -37.18
N HIS A 57 1.82 9.42 -36.27
CA HIS A 57 2.64 9.45 -35.07
C HIS A 57 2.31 10.60 -34.08
N LYS A 58 1.06 11.05 -34.11
CA LYS A 58 0.56 12.10 -33.22
C LYS A 58 0.35 11.57 -31.80
N TYR A 59 0.16 10.26 -31.70
CA TYR A 59 0.04 9.58 -30.41
C TYR A 59 1.11 8.51 -30.33
N GLU A 60 1.67 8.35 -29.14
CA GLU A 60 2.59 7.25 -28.86
C GLU A 60 1.99 6.44 -27.74
N ILE A 61 1.86 5.12 -27.94
CA ILE A 61 1.29 4.24 -26.93
C ILE A 61 2.46 3.48 -26.29
N ARG A 62 2.90 3.96 -25.12
CA ARG A 62 4.08 3.37 -24.45
C ARG A 62 3.60 2.24 -23.51
N LEU A 63 4.07 1.02 -23.75
CA LEU A 63 3.60 -0.16 -23.01
C LEU A 63 4.42 -0.40 -21.74
N TYR A 64 3.71 -0.73 -20.66
CA TYR A 64 4.33 -0.99 -19.37
C TYR A 64 3.73 -2.27 -18.77
N PRO A 65 4.32 -3.42 -19.10
CA PRO A 65 3.77 -4.68 -18.61
C PRO A 65 4.22 -4.94 -17.16
N ASN A 66 3.80 -6.06 -16.62
CA ASN A 66 4.37 -6.62 -15.40
C ASN A 66 4.39 -5.65 -14.20
N ASN A 67 3.32 -4.86 -14.05
CA ASN A 67 3.12 -3.95 -12.92
C ASN A 67 4.19 -2.87 -12.80
N GLN A 68 4.84 -2.56 -13.93
CA GLN A 68 5.83 -1.49 -13.93
C GLN A 68 5.29 -0.15 -13.37
N LEU A 69 4.06 0.22 -13.76
CA LEU A 69 3.45 1.46 -13.33
C LEU A 69 2.66 1.28 -12.03
N GLY A 70 2.79 0.10 -11.45
CA GLY A 70 2.15 -0.24 -10.19
C GLY A 70 1.27 -1.46 -10.39
N GLY A 71 0.82 -2.01 -9.28
CA GLY A 71 -0.14 -3.08 -9.34
C GLY A 71 -1.48 -2.69 -9.92
N GLU A 72 -2.30 -3.72 -10.16
CA GLU A 72 -3.55 -3.59 -10.86
C GLU A 72 -4.45 -2.51 -10.26
N ASP A 73 -4.58 -2.48 -8.93
CA ASP A 73 -5.38 -1.45 -8.33
C ASP A 73 -4.86 -0.02 -8.58
N GLN A 74 -3.54 0.12 -8.62
CA GLN A 74 -2.91 1.41 -8.92
C GLN A 74 -3.18 1.84 -10.37
N ILE A 75 -3.23 0.87 -11.28
CA ILE A 75 -3.60 1.14 -12.68
C ILE A 75 -5.04 1.64 -12.75
N VAL A 76 -5.97 0.97 -12.08
CA VAL A 76 -7.34 1.47 -12.04
C VAL A 76 -7.39 2.93 -11.57
N ASN A 77 -6.74 3.24 -10.45
CA ASN A 77 -6.78 4.60 -9.92
C ASN A 77 -6.12 5.62 -10.85
N GLY A 78 -5.05 5.20 -11.51
CA GLY A 78 -4.37 6.06 -12.46
C GLY A 78 -5.24 6.35 -13.68
N LEU A 79 -6.00 5.37 -14.14
CA LEU A 79 -6.95 5.60 -15.24
C LEU A 79 -7.98 6.63 -14.81
N ARG A 80 -8.47 6.50 -13.58
CA ARG A 80 -9.51 7.40 -13.13
C ARG A 80 -9.02 8.84 -12.96
N ASN A 81 -7.80 9.04 -12.47
CA ASN A 81 -7.29 10.40 -12.27
C ASN A 81 -6.51 10.96 -13.45
N GLY A 82 -6.31 10.14 -14.48
CA GLY A 82 -5.62 10.57 -15.68
C GLY A 82 -4.10 10.51 -15.68
N THR A 83 -3.47 10.11 -14.58
CA THR A 83 -2.02 10.03 -14.54
C THR A 83 -1.49 8.76 -15.18
N ILE A 84 -2.36 7.79 -15.40
CA ILE A 84 -2.03 6.66 -16.26
C ILE A 84 -3.07 6.67 -17.37
N GLU A 85 -2.63 7.01 -18.57
CA GLU A 85 -3.55 7.30 -19.66
C GLU A 85 -4.32 6.10 -20.25
N ALA A 86 -3.71 4.92 -20.21
CA ALA A 86 -4.38 3.69 -20.67
C ALA A 86 -3.94 2.49 -19.87
N GLY A 87 -4.66 1.39 -20.02
CA GLY A 87 -4.24 0.21 -19.30
C GLY A 87 -5.09 -0.99 -19.62
N ILE A 88 -4.60 -2.13 -19.18
CA ILE A 88 -5.43 -3.34 -19.11
C ILE A 88 -5.49 -3.78 -17.67
N THR A 89 -6.72 -3.95 -17.18
CA THR A 89 -6.96 -4.48 -15.83
C THR A 89 -8.07 -5.51 -15.93
N GLY A 90 -8.24 -6.25 -14.84
CA GLY A 90 -9.45 -7.01 -14.61
C GLY A 90 -10.53 -6.12 -14.01
N LEU A 91 -11.37 -6.72 -13.16
CA LEU A 91 -12.63 -6.08 -12.81
C LEU A 91 -12.61 -5.43 -11.41
N LEU A 92 -11.46 -4.95 -10.97
CA LEU A 92 -11.32 -4.45 -9.60
C LEU A 92 -12.17 -3.22 -9.33
N LEU A 93 -12.55 -2.49 -10.38
CA LEU A 93 -13.46 -1.35 -10.21
C LEU A 93 -14.80 -1.81 -9.64
N GLN A 94 -15.04 -3.11 -9.58
CA GLN A 94 -16.25 -3.61 -8.92
C GLN A 94 -16.34 -3.16 -7.45
N ASN A 95 -15.21 -2.80 -6.84
CA ASN A 95 -15.26 -2.31 -5.44
C ASN A 95 -15.85 -0.90 -5.33
N VAL A 96 -16.00 -0.23 -6.47
CA VAL A 96 -16.66 1.06 -6.54
C VAL A 96 -18.12 0.89 -6.96
N ASP A 97 -18.36 0.00 -7.91
CA ASP A 97 -19.71 -0.28 -8.39
C ASP A 97 -19.74 -1.74 -8.79
N PRO A 98 -20.56 -2.54 -8.10
CA PRO A 98 -20.45 -3.99 -8.27
C PRO A 98 -20.84 -4.48 -9.66
N ILE A 99 -21.55 -3.67 -10.44
CA ILE A 99 -21.99 -4.16 -11.75
C ILE A 99 -20.80 -4.56 -12.63
N PHE A 100 -19.68 -3.89 -12.43
CA PHE A 100 -18.49 -4.16 -13.27
C PHE A 100 -17.89 -5.53 -13.02
N GLY A 101 -18.22 -6.15 -11.90
CA GLY A 101 -17.65 -7.44 -11.58
C GLY A 101 -18.46 -8.65 -12.05
N VAL A 102 -19.59 -8.40 -12.72
CA VAL A 102 -20.52 -9.46 -13.07
C VAL A 102 -19.90 -10.55 -13.94
N TRP A 103 -18.93 -10.20 -14.78
CA TRP A 103 -18.38 -11.18 -15.73
C TRP A 103 -17.63 -12.30 -15.06
N GLU A 104 -17.17 -12.06 -13.82
CA GLU A 104 -16.45 -13.04 -13.02
C GLU A 104 -17.36 -13.81 -12.04
N TRP A 105 -18.67 -13.67 -12.14
CA TRP A 105 -19.54 -14.50 -11.33
C TRP A 105 -19.33 -15.97 -11.73
N PRO A 106 -19.31 -16.88 -10.74
CA PRO A 106 -18.90 -18.26 -11.04
C PRO A 106 -19.84 -19.00 -12.01
N TYR A 107 -19.25 -19.72 -12.95
CA TYR A 107 -20.01 -20.56 -13.88
C TYR A 107 -20.99 -19.79 -14.79
N LEU A 108 -20.66 -18.52 -15.05
CA LEU A 108 -21.45 -17.68 -15.94
C LEU A 108 -21.32 -18.13 -17.40
N PHE A 109 -20.11 -18.56 -17.78
CA PHE A 109 -19.80 -18.92 -19.18
C PHE A 109 -19.30 -20.36 -19.30
N LYS A 110 -19.77 -21.08 -20.32
CA LYS A 110 -19.45 -22.51 -20.49
C LYS A 110 -18.06 -22.78 -21.08
N ASP A 111 -17.55 -21.83 -21.87
CA ASP A 111 -16.25 -21.96 -22.51
C ASP A 111 -15.78 -20.60 -23.05
N ASN A 112 -14.58 -20.56 -23.60
CA ASN A 112 -14.00 -19.31 -24.09
C ASN A 112 -14.87 -18.64 -25.16
N GLN A 113 -15.37 -19.43 -26.11
CA GLN A 113 -16.15 -18.86 -27.19
C GLN A 113 -17.46 -18.24 -26.67
N GLU A 114 -18.08 -18.85 -25.66
CA GLU A 114 -19.29 -18.26 -25.10
C GLU A 114 -18.99 -16.97 -24.31
N ALA A 115 -17.87 -16.95 -23.58
CA ALA A 115 -17.47 -15.74 -22.88
C ALA A 115 -17.29 -14.61 -23.89
N LYS A 116 -16.67 -14.92 -25.03
CA LYS A 116 -16.36 -13.89 -26.03
C LYS A 116 -17.70 -13.39 -26.61
N LYS A 117 -18.61 -14.32 -26.89
CA LYS A 117 -19.88 -13.97 -27.49
C LYS A 117 -20.67 -13.04 -26.59
N VAL A 118 -20.74 -13.35 -25.31
CA VAL A 118 -21.47 -12.49 -24.39
C VAL A 118 -20.77 -11.13 -24.23
N LEU A 119 -19.45 -11.13 -24.17
CA LEU A 119 -18.70 -9.86 -23.98
C LEU A 119 -18.74 -8.99 -25.23
N GLU A 120 -19.19 -9.58 -26.33
CA GLU A 120 -19.42 -8.83 -27.56
C GLU A 120 -20.89 -8.41 -27.72
N SER A 121 -21.72 -8.66 -26.71
CA SER A 121 -23.17 -8.40 -26.84
C SER A 121 -23.54 -7.00 -26.34
N PRO A 122 -24.77 -6.57 -26.63
CA PRO A 122 -25.17 -5.22 -26.21
C PRO A 122 -25.11 -5.00 -24.70
N ILE A 123 -25.48 -5.99 -23.90
CA ILE A 123 -25.48 -5.80 -22.46
C ILE A 123 -24.05 -5.52 -21.94
N ALA A 124 -23.05 -6.21 -22.51
CA ALA A 124 -21.65 -5.96 -22.13
C ALA A 124 -21.21 -4.55 -22.55
N ASN A 125 -21.67 -4.11 -23.71
N ASN A 125 -21.67 -4.10 -23.70
CA ASN A 125 -21.37 -2.75 -24.17
CA ASN A 125 -21.32 -2.75 -24.14
C ASN A 125 -21.98 -1.72 -23.22
C ASN A 125 -22.00 -1.68 -23.27
N LYS A 126 -23.23 -1.96 -22.84
CA LYS A 126 -23.95 -1.02 -22.00
C LYS A 126 -23.32 -0.91 -20.61
N ILE A 127 -22.91 -2.03 -20.04
CA ILE A 127 -22.25 -2.02 -18.75
C ILE A 127 -20.89 -1.34 -18.90
N GLY A 128 -20.20 -1.62 -20.01
CA GLY A 128 -18.92 -0.97 -20.25
C GLY A 128 -19.01 0.55 -20.29
N GLN A 129 -20.07 1.07 -20.91
CA GLN A 129 -20.34 2.50 -20.99
C GLN A 129 -20.48 3.16 -19.63
N LYS A 130 -20.95 2.40 -18.65
CA LYS A 130 -21.13 2.93 -17.30
C LYS A 130 -19.80 3.24 -16.62
N MSE A 131 -18.70 2.72 -17.13
CA MSE A 131 -17.39 3.03 -16.54
C MSE A 131 -17.07 4.52 -16.71
O MSE A 131 -16.26 5.07 -15.96
CB MSE A 131 -16.32 2.15 -17.15
CG MSE A 131 -16.51 0.69 -16.87
SE MSE A 131 -15.03 -0.37 -17.61
CE MSE A 131 -13.70 0.12 -16.43
H MSE A 131 -18.67 2.20 -17.81
HA MSE A 131 -17.43 2.84 -15.58
HB2 MSE A 131 -16.31 2.27 -18.11
HB3 MSE A 131 -15.45 2.41 -16.79
HG2 MSE A 131 -16.54 0.54 -15.91
HG3 MSE A 131 -17.34 0.39 -17.28
HE1 MSE A 131 -12.89 -0.33 -16.67
HE2 MSE A 131 -13.58 1.07 -16.48
HE3 MSE A 131 -13.97 -0.13 -15.54
N GLU A 132 -17.69 5.19 -17.68
CA GLU A 132 -17.42 6.60 -17.91
C GLU A 132 -17.81 7.48 -16.71
N LYS A 133 -18.82 7.05 -15.96
CA LYS A 133 -19.21 7.73 -14.73
C LYS A 133 -18.09 7.79 -13.70
N TYR A 134 -17.14 6.87 -13.83
CA TYR A 134 -16.02 6.77 -12.89
C TYR A 134 -14.69 7.14 -13.53
N GLY A 135 -14.75 7.75 -14.72
CA GLY A 135 -13.58 8.32 -15.33
C GLY A 135 -12.86 7.42 -16.33
N ILE A 136 -13.50 6.35 -16.75
CA ILE A 136 -12.81 5.39 -17.61
C ILE A 136 -13.60 5.12 -18.87
N LYS A 137 -12.92 5.17 -20.01
CA LYS A 137 -13.50 4.75 -21.28
C LYS A 137 -13.04 3.33 -21.62
N LEU A 138 -13.99 2.41 -21.77
CA LEU A 138 -13.67 1.04 -22.15
C LEU A 138 -13.55 0.92 -23.65
N LEU A 139 -12.43 0.38 -24.14
CA LEU A 139 -12.20 0.19 -25.57
C LEU A 139 -12.38 -1.25 -26.04
N ALA A 140 -12.10 -2.23 -25.18
CA ALA A 140 -12.23 -3.63 -25.59
C ALA A 140 -12.30 -4.58 -24.39
N TYR A 141 -13.10 -5.63 -24.54
CA TYR A 141 -13.03 -6.79 -23.66
C TYR A 141 -12.15 -7.86 -24.30
N GLY A 142 -11.00 -8.09 -23.69
CA GLY A 142 -10.13 -9.18 -24.07
C GLY A 142 -10.18 -10.32 -23.06
N MSE A 143 -9.35 -11.32 -23.29
CA MSE A 143 -9.36 -12.54 -22.49
C MSE A 143 -8.08 -12.72 -21.66
O MSE A 143 -6.97 -12.63 -22.17
CB MSE A 143 -9.57 -13.74 -23.43
CG MSE A 143 -9.27 -15.08 -22.82
SE MSE A 143 -9.52 -16.61 -24.03
CE MSE A 143 -8.26 -17.82 -23.24
H MSE A 143 -8.75 -11.31 -23.90
HA MSE A 143 -10.12 -12.51 -21.87
HB2 MSE A 143 -10.49 -13.75 -23.73
HB3 MSE A 143 -8.98 -13.64 -24.20
HG2 MSE A 143 -8.35 -15.10 -22.52
HG3 MSE A 143 -9.86 -15.22 -22.07
HE1 MSE A 143 -8.26 -18.64 -23.74
HE2 MSE A 143 -7.38 -17.43 -23.27
HE3 MSE A 143 -8.51 -17.98 -22.33
N ASN A 144 -8.27 -12.95 -20.37
CA ASN A 144 -7.22 -13.55 -19.57
C ASN A 144 -7.51 -15.04 -19.39
N GLY A 145 -8.78 -15.38 -19.13
CA GLY A 145 -9.23 -16.75 -19.25
C GLY A 145 -9.93 -17.30 -18.02
N PHE A 146 -10.37 -18.55 -18.14
CA PHE A 146 -10.89 -19.24 -16.97
C PHE A 146 -9.83 -19.45 -15.93
N ARG A 147 -10.24 -19.32 -14.68
CA ARG A 147 -9.31 -19.47 -13.59
C ARG A 147 -9.24 -20.91 -13.07
N VAL A 148 -8.02 -21.35 -12.77
CA VAL A 148 -7.76 -22.67 -12.22
C VAL A 148 -7.05 -22.51 -10.87
N ILE A 149 -7.09 -23.54 -10.04
CA ILE A 149 -6.45 -23.49 -8.73
C ILE A 149 -5.07 -24.15 -8.74
N SER A 150 -4.05 -23.40 -8.37
CA SER A 150 -2.75 -23.97 -8.16
C SER A 150 -2.55 -24.22 -6.66
N SER A 151 -1.79 -25.24 -6.31
CA SER A 151 -1.79 -25.69 -4.94
C SER A 151 -0.62 -26.60 -4.63
N ASN A 152 -0.08 -26.49 -3.42
CA ASN A 152 0.91 -27.43 -2.91
C ASN A 152 0.26 -28.74 -2.52
N LYS A 153 -1.07 -28.70 -2.36
CA LYS A 153 -1.84 -29.84 -1.86
C LYS A 153 -2.74 -30.39 -2.96
N LYS A 154 -2.79 -31.71 -3.12
CA LYS A 154 -3.68 -32.31 -4.10
C LYS A 154 -5.15 -32.06 -3.74
N LEU A 155 -5.94 -31.62 -4.72
CA LEU A 155 -7.37 -31.43 -4.52
C LEU A 155 -8.14 -32.20 -5.59
N GLU A 156 -8.93 -33.19 -5.19
CA GLU A 156 -9.67 -33.98 -6.16
C GLU A 156 -11.11 -34.27 -5.75
N LYS A 157 -11.50 -33.72 -4.60
CA LYS A 157 -12.88 -33.82 -4.15
C LYS A 157 -13.16 -32.64 -3.22
N PHE A 158 -14.43 -32.34 -3.04
CA PHE A 158 -14.82 -31.11 -2.37
C PHE A 158 -14.28 -31.05 -0.95
N ASP A 159 -14.25 -32.20 -0.27
CA ASP A 159 -13.75 -32.25 1.10
C ASP A 159 -12.28 -31.84 1.20
N ASP A 160 -11.55 -31.88 0.09
CA ASP A 160 -10.11 -31.55 0.14
C ASP A 160 -9.89 -30.05 0.35
N PHE A 161 -10.90 -29.23 0.08
CA PHE A 161 -10.79 -27.79 0.32
C PHE A 161 -10.66 -27.43 1.80
N LYS A 162 -11.17 -28.27 2.70
CA LYS A 162 -11.13 -27.96 4.13
C LYS A 162 -9.69 -27.82 4.62
N GLY A 163 -9.37 -26.69 5.25
CA GLY A 163 -8.02 -26.45 5.69
C GLY A 163 -7.16 -25.74 4.64
N LEU A 164 -7.63 -25.69 3.40
CA LEU A 164 -6.87 -25.07 2.32
C LEU A 164 -6.78 -23.56 2.51
N ARG A 165 -5.58 -23.01 2.40
CA ARG A 165 -5.37 -21.55 2.49
C ARG A 165 -5.02 -21.04 1.10
N LEU A 166 -5.89 -20.21 0.55
CA LEU A 166 -5.70 -19.76 -0.83
C LEU A 166 -5.62 -18.26 -0.88
N ARG A 167 -4.58 -17.73 -1.52
CA ARG A 167 -4.61 -16.32 -1.85
C ARG A 167 -5.75 -16.07 -2.82
N VAL A 168 -6.46 -14.97 -2.62
CA VAL A 168 -7.43 -14.48 -3.60
C VAL A 168 -7.12 -13.01 -3.97
N PRO A 169 -7.67 -12.54 -5.08
CA PRO A 169 -7.37 -11.15 -5.46
C PRO A 169 -8.04 -10.11 -4.56
N LEU A 170 -7.74 -8.84 -4.87
CA LEU A 170 -8.26 -7.69 -4.12
C LEU A 170 -9.71 -7.36 -4.51
N ASN A 171 -10.59 -8.33 -4.25
CA ASN A 171 -11.96 -8.31 -4.72
C ASN A 171 -12.76 -9.28 -3.86
N SER A 172 -13.67 -8.74 -3.04
CA SER A 172 -14.39 -9.57 -2.07
C SER A 172 -15.25 -10.66 -2.73
N LEU A 173 -15.55 -10.54 -4.03
CA LEU A 173 -16.26 -11.64 -4.70
C LEU A 173 -15.47 -12.95 -4.55
N PHE A 174 -14.16 -12.85 -4.63
CA PHE A 174 -13.30 -14.01 -4.62
C PHE A 174 -13.11 -14.52 -3.19
N VAL A 175 -13.12 -13.59 -2.23
CA VAL A 175 -13.15 -13.97 -0.84
C VAL A 175 -14.41 -14.79 -0.59
N ASP A 176 -15.56 -14.27 -1.01
CA ASP A 176 -16.83 -14.98 -0.80
C ASP A 176 -16.90 -16.33 -1.54
N TRP A 177 -16.38 -16.35 -2.77
CA TRP A 177 -16.30 -17.59 -3.53
C TRP A 177 -15.51 -18.65 -2.73
N ALA A 178 -14.36 -18.24 -2.21
CA ALA A 178 -13.51 -19.18 -1.50
C ALA A 178 -14.22 -19.70 -0.26
N LYS A 179 -14.89 -18.83 0.47
CA LYS A 179 -15.61 -19.28 1.66
C LYS A 179 -16.76 -20.23 1.31
N ALA A 180 -17.40 -20.01 0.16
CA ALA A 180 -18.46 -20.92 -0.27
C ALA A 180 -17.93 -22.32 -0.60
N MSE A 181 -16.63 -22.39 -0.94
CA MSE A 181 -15.94 -23.65 -1.20
C MSE A 181 -15.37 -24.29 0.08
O MSE A 181 -14.78 -25.36 0.02
CB MSE A 181 -14.79 -23.45 -2.19
CG MSE A 181 -15.19 -22.91 -3.58
SE MSE A 181 -16.52 -24.01 -4.51
CE MSE A 181 -18.01 -22.76 -4.54
H MSE A 181 -16.13 -21.69 -1.03
HA MSE A 181 -16.57 -24.28 -1.60
HB2 MSE A 181 -14.15 -22.83 -1.81
HB3 MSE A 181 -14.36 -24.30 -2.33
HG2 MSE A 181 -15.56 -22.02 -3.48
HG3 MSE A 181 -14.40 -22.87 -4.15
HE1 MSE A 181 -18.76 -23.19 -4.98
HE2 MSE A 181 -18.24 -22.54 -3.63
HE3 MSE A 181 -17.75 -21.98 -5.02
N ASN A 182 -15.58 -23.65 1.22
CA ASN A 182 -15.00 -24.02 2.51
C ASN A 182 -13.47 -23.88 2.51
N ILE A 183 -12.98 -22.99 1.62
CA ILE A 183 -11.57 -22.61 1.58
C ILE A 183 -11.34 -21.41 2.49
N ASN A 184 -10.15 -21.31 3.10
CA ASN A 184 -9.74 -20.13 3.87
C ASN A 184 -9.00 -19.14 2.97
N PRO A 185 -9.66 -18.05 2.56
CA PRO A 185 -9.03 -17.09 1.66
C PRO A 185 -8.17 -16.09 2.40
N GLN A 186 -7.17 -15.55 1.73
CA GLN A 186 -6.47 -14.38 2.19
C GLN A 186 -6.26 -13.47 0.99
N SER A 187 -6.96 -12.36 0.98
CA SER A 187 -6.89 -11.42 -0.14
C SER A 187 -5.57 -10.66 -0.08
N MSE A 188 -4.83 -10.60 -1.19
CA MSE A 188 -3.60 -9.84 -1.23
C MSE A 188 -3.25 -9.50 -2.68
O MSE A 188 -3.73 -10.17 -3.60
CB MSE A 188 -2.44 -10.62 -0.60
CG MSE A 188 -2.10 -11.88 -1.30
SE MSE A 188 -0.76 -13.00 -0.36
CE MSE A 188 -1.67 -13.68 1.07
H MSE A 188 -5.04 -10.99 -1.94
HA MSE A 188 -3.71 -9.01 -0.72
HB2 MSE A 188 -1.65 -10.06 -0.61
HB3 MSE A 188 -2.68 -10.84 0.31
HG2 MSE A 188 -2.91 -12.41 -1.39
HG3 MSE A 188 -1.75 -11.67 -2.17
HE1 MSE A 188 -1.09 -14.24 1.59
HE2 MSE A 188 -1.99 -12.96 1.61
HE3 MSE A 188 -2.42 -14.20 0.75
N PRO A 189 -2.44 -8.47 -2.89
CA PRO A 189 -1.98 -8.19 -4.24
C PRO A 189 -1.23 -9.33 -4.87
N LEU A 190 -1.29 -9.38 -6.19
CA LEU A 190 -0.67 -10.45 -6.92
C LEU A 190 0.83 -10.50 -6.66
N SER A 191 1.44 -9.33 -6.49
CA SER A 191 2.87 -9.23 -6.25
C SER A 191 3.32 -9.90 -4.95
N GLU A 192 2.38 -10.26 -4.09
CA GLU A 192 2.70 -10.87 -2.79
C GLU A 192 2.55 -12.39 -2.72
N VAL A 193 2.10 -12.99 -3.83
CA VAL A 193 1.83 -14.41 -3.81
C VAL A 193 3.08 -15.28 -3.60
N PHE A 194 4.16 -15.00 -4.35
CA PHE A 194 5.38 -15.80 -4.21
C PHE A 194 5.87 -15.81 -2.77
N THR A 195 5.95 -14.64 -2.15
CA THR A 195 6.51 -14.57 -0.81
C THR A 195 5.57 -15.20 0.20
N ALA A 196 4.25 -15.07 -0.01
CA ALA A 196 3.29 -15.77 0.85
C ALA A 196 3.42 -17.28 0.79
N LEU A 197 3.67 -17.82 -0.41
CA LEU A 197 3.94 -19.24 -0.54
C LEU A 197 5.24 -19.62 0.16
N GLU A 198 6.28 -18.84 -0.07
CA GLU A 198 7.60 -19.14 0.47
C GLU A 198 7.58 -19.14 1.99
N GLN A 199 6.75 -18.26 2.55
CA GLN A 199 6.58 -18.13 4.00
C GLN A 199 5.57 -19.11 4.59
N LYS A 200 4.98 -19.96 3.75
CA LYS A 200 3.96 -20.95 4.17
C LYS A 200 2.71 -20.31 4.78
N VAL A 201 2.34 -19.14 4.29
CA VAL A 201 1.17 -18.43 4.74
C VAL A 201 -0.07 -18.88 3.96
N ILE A 202 0.16 -19.30 2.72
CA ILE A 202 -0.90 -19.83 1.88
C ILE A 202 -0.40 -21.14 1.28
N ASP A 203 -1.34 -21.93 0.76
CA ASP A 203 -1.03 -23.20 0.10
C ASP A 203 -1.09 -23.08 -1.43
N GLY A 204 -1.78 -22.05 -1.91
CA GLY A 204 -1.95 -21.87 -3.33
C GLY A 204 -2.69 -20.59 -3.66
N GLN A 205 -3.09 -20.50 -4.93
CA GLN A 205 -3.76 -19.32 -5.46
C GLN A 205 -4.63 -19.77 -6.62
N GLU A 206 -5.27 -18.83 -7.31
CA GLU A 206 -6.08 -19.18 -8.49
C GLU A 206 -5.99 -18.09 -9.55
N ASN A 207 -5.91 -18.50 -10.80
CA ASN A 207 -5.66 -17.59 -11.91
C ASN A 207 -5.72 -18.42 -13.18
N PRO A 208 -5.77 -17.76 -14.34
CA PRO A 208 -5.78 -18.53 -15.58
C PRO A 208 -4.47 -19.27 -15.81
N TYR A 209 -4.52 -20.32 -16.63
CA TYR A 209 -3.32 -21.09 -17.00
C TYR A 209 -2.17 -20.20 -17.45
N MSE A 210 -2.42 -19.22 -18.33
CA MSE A 210 -1.32 -18.46 -18.88
C MSE A 210 -0.61 -17.66 -17.82
O MSE A 210 0.62 -17.60 -17.83
CB MSE A 210 -1.73 -17.57 -20.05
CG MSE A 210 -2.24 -18.37 -21.24
SE MSE A 210 -2.57 -17.28 -22.82
CE MSE A 210 -4.22 -16.44 -22.26
H MSE A 210 -3.21 -18.99 -18.60
HA MSE A 210 -0.68 -19.11 -19.24
HB2 MSE A 210 -2.44 -16.97 -19.77
HB3 MSE A 210 -0.96 -17.05 -20.35
HG2 MSE A 210 -1.58 -19.05 -21.46
HG3 MSE A 210 -3.08 -18.80 -20.98
HE1 MSE A 210 -4.52 -15.85 -22.96
HE2 MSE A 210 -4.87 -17.12 -22.10
HE3 MSE A 210 -4.06 -15.94 -21.46
N LEU A 211 -1.35 -17.06 -16.88
CA LEU A 211 -0.71 -16.39 -15.77
C LEU A 211 0.18 -17.34 -14.93
N ILE A 212 -0.34 -18.53 -14.63
CA ILE A 212 0.41 -19.51 -13.87
C ILE A 212 1.75 -19.86 -14.52
N LYS A 213 1.78 -19.93 -15.86
CA LYS A 213 3.05 -20.18 -16.53
C LYS A 213 3.91 -18.91 -16.55
N ASP A 214 3.32 -17.81 -17.04
CA ASP A 214 4.09 -16.60 -17.35
C ASP A 214 4.75 -16.07 -16.09
N SER A 215 4.03 -16.19 -14.97
CA SER A 215 4.52 -15.68 -13.68
C SER A 215 5.60 -16.54 -13.04
N GLY A 216 5.75 -17.77 -13.52
CA GLY A 216 6.63 -18.74 -12.89
C GLY A 216 6.01 -19.40 -11.66
N LEU A 217 4.75 -19.09 -11.35
CA LEU A 217 4.08 -19.74 -10.20
C LEU A 217 4.07 -21.27 -10.34
N TYR A 218 4.08 -21.80 -11.57
CA TYR A 218 4.06 -23.25 -11.75
C TYR A 218 5.27 -23.95 -11.10
N GLU A 219 6.37 -23.21 -10.94
CA GLU A 219 7.59 -23.79 -10.41
C GLU A 219 7.51 -24.05 -8.90
N VAL A 220 6.55 -23.40 -8.25
CA VAL A 220 6.36 -23.54 -6.81
C VAL A 220 4.97 -24.04 -6.45
N GLN A 221 4.28 -24.61 -7.42
CA GLN A 221 2.92 -25.14 -7.22
C GLN A 221 2.79 -26.44 -7.97
N LYS A 222 2.92 -27.55 -7.25
CA LYS A 222 2.92 -28.90 -7.85
C LYS A 222 1.61 -29.18 -8.57
N TYR A 223 0.49 -28.86 -7.93
CA TYR A 223 -0.80 -29.25 -8.46
C TYR A 223 -1.54 -28.11 -9.09
N ILE A 224 -2.17 -28.42 -10.21
CA ILE A 224 -3.07 -27.48 -10.87
C ILE A 224 -4.37 -28.18 -11.07
N ILE A 225 -5.41 -27.63 -10.47
CA ILE A 225 -6.72 -28.23 -10.51
C ILE A 225 -7.63 -27.42 -11.44
N GLN A 226 -8.10 -28.08 -12.50
CA GLN A 226 -8.83 -27.40 -13.57
C GLN A 226 -10.28 -27.09 -13.25
N SER A 227 -10.46 -26.26 -12.24
CA SER A 227 -11.79 -25.89 -11.78
C SER A 227 -12.57 -25.01 -12.76
N ASN A 228 -11.89 -24.08 -13.43
CA ASN A 228 -12.53 -23.14 -14.33
C ASN A 228 -13.75 -22.51 -13.66
N HIS A 229 -13.58 -22.12 -12.40
CA HIS A 229 -14.69 -21.60 -11.61
C HIS A 229 -15.20 -20.22 -12.01
N ILE A 230 -14.30 -19.39 -12.56
CA ILE A 230 -14.56 -17.98 -12.84
C ILE A 230 -13.83 -17.63 -14.13
N PHE A 231 -14.45 -16.81 -14.98
CA PHE A 231 -13.79 -16.34 -16.22
C PHE A 231 -13.33 -14.91 -16.01
N SER A 232 -12.06 -14.63 -16.29
CA SER A 232 -11.50 -13.29 -16.11
C SER A 232 -11.23 -12.60 -17.44
N PRO A 233 -11.99 -11.56 -17.75
CA PRO A 233 -11.66 -10.71 -18.90
C PRO A 233 -10.56 -9.73 -18.57
N GLY A 234 -9.84 -9.30 -19.60
CA GLY A 234 -8.88 -8.21 -19.48
C GLY A 234 -9.41 -7.01 -20.25
N LEU A 235 -9.71 -5.94 -19.53
CA LEU A 235 -10.35 -4.76 -20.11
C LEU A 235 -9.31 -3.76 -20.60
N LEU A 236 -9.35 -3.44 -21.88
CA LEU A 236 -8.49 -2.40 -22.44
C LEU A 236 -9.21 -1.08 -22.30
N GLN A 237 -8.57 -0.16 -21.59
CA GLN A 237 -9.21 1.05 -21.14
C GLN A 237 -8.35 2.28 -21.43
N ILE A 238 -9.00 3.43 -21.59
CA ILE A 238 -8.27 4.71 -21.71
C ILE A 238 -8.92 5.66 -20.70
N SER A 239 -8.10 6.41 -19.99
CA SER A 239 -8.63 7.43 -19.11
C SER A 239 -9.55 8.39 -19.85
N LEU A 240 -10.68 8.70 -19.25
CA LEU A 240 -11.62 9.63 -19.87
C LEU A 240 -11.00 11.03 -20.03
N LYS A 241 -10.13 11.41 -19.10
CA LYS A 241 -9.42 12.69 -19.21
C LYS A 241 -8.57 12.73 -20.47
N THR A 242 -7.92 11.61 -20.79
CA THR A 242 -7.20 11.48 -22.04
C THR A 242 -8.13 11.44 -23.25
N TRP A 243 -9.17 10.62 -23.17
CA TRP A 243 -10.12 10.47 -24.26
C TRP A 243 -10.77 11.79 -24.67
N ASN A 244 -11.09 12.64 -23.70
CA ASN A 244 -11.77 13.89 -23.99
C ASN A 244 -10.86 14.96 -24.62
N LYS A 245 -9.59 14.64 -24.79
CA LYS A 245 -8.65 15.51 -25.48
C LYS A 245 -8.44 15.05 -26.93
N ILE A 246 -9.06 13.91 -27.27
CA ILE A 246 -8.86 13.30 -28.57
C ILE A 246 -10.09 13.56 -29.41
N PRO A 247 -9.91 14.20 -30.57
CA PRO A 247 -11.10 14.48 -31.38
C PRO A 247 -11.69 13.20 -31.95
N LYS A 248 -12.97 13.25 -32.29
CA LYS A 248 -13.64 12.07 -32.80
C LYS A 248 -12.92 11.42 -33.99
N GLU A 249 -12.38 12.23 -34.90
CA GLU A 249 -11.67 11.66 -36.05
C GLU A 249 -10.57 10.72 -35.60
N ASP A 250 -9.86 11.11 -34.53
CA ASP A 250 -8.75 10.30 -34.02
C ASP A 250 -9.28 9.13 -33.17
N GLN A 251 -10.37 9.37 -32.45
CA GLN A 251 -11.00 8.32 -31.64
C GLN A 251 -11.42 7.14 -32.50
N ILE A 252 -11.89 7.41 -33.71
CA ILE A 252 -12.25 6.34 -34.64
C ILE A 252 -11.05 5.44 -34.95
N ILE A 253 -9.87 6.04 -35.05
CA ILE A 253 -8.65 5.26 -35.27
C ILE A 253 -8.31 4.41 -34.03
N PHE A 254 -8.45 4.99 -32.83
CA PHE A 254 -8.26 4.23 -31.60
C PHE A 254 -9.25 3.08 -31.55
N GLU A 255 -10.49 3.33 -31.95
CA GLU A 255 -11.52 2.27 -31.92
C GLU A 255 -11.23 1.15 -32.93
N LYS A 256 -10.74 1.52 -34.11
CA LYS A 256 -10.30 0.54 -35.12
C LYS A 256 -9.19 -0.32 -34.53
N ALA A 257 -8.24 0.31 -33.88
CA ALA A 257 -7.11 -0.40 -33.29
C ALA A 257 -7.60 -1.33 -32.15
N ALA A 258 -8.57 -0.87 -31.38
CA ALA A 258 -9.07 -1.67 -30.26
C ALA A 258 -9.83 -2.89 -30.78
N LYS A 259 -10.60 -2.70 -31.84
CA LYS A 259 -11.36 -3.80 -32.46
C LYS A 259 -10.42 -4.87 -33.02
N LEU A 260 -9.38 -4.44 -33.75
CA LEU A 260 -8.34 -5.35 -34.25
C LEU A 260 -7.61 -6.03 -33.09
N TYR A 261 -7.21 -5.25 -32.08
CA TYR A 261 -6.60 -5.82 -30.87
C TYR A 261 -7.51 -6.94 -30.31
N GLN A 262 -8.79 -6.66 -30.20
CA GLN A 262 -9.72 -7.59 -29.54
C GLN A 262 -9.81 -8.90 -30.33
N GLU A 263 -10.00 -8.81 -31.64
CA GLU A 263 -10.11 -10.00 -32.47
C GLU A 263 -8.84 -10.82 -32.36
N LYS A 264 -7.70 -10.16 -32.49
CA LYS A 264 -6.43 -10.86 -32.54
C LYS A 264 -6.04 -11.42 -31.17
N GLU A 265 -6.40 -10.69 -30.11
CA GLU A 265 -6.05 -11.13 -28.76
C GLU A 265 -6.86 -12.37 -28.35
N TRP A 266 -8.15 -12.39 -28.63
CA TRP A 266 -8.96 -13.59 -28.37
C TRP A 266 -8.37 -14.80 -29.09
N GLU A 267 -8.11 -14.64 -30.39
CA GLU A 267 -7.53 -15.72 -31.19
C GLU A 267 -6.20 -16.20 -30.61
N LEU A 268 -5.30 -15.28 -30.32
CA LEU A 268 -3.99 -15.62 -29.80
C LEU A 268 -4.08 -16.23 -28.39
N ALA A 269 -4.98 -15.70 -27.59
CA ALA A 269 -5.13 -16.18 -26.23
C ALA A 269 -5.67 -17.62 -26.21
N ILE A 270 -6.67 -17.91 -27.04
CA ILE A 270 -7.19 -19.26 -27.11
C ILE A 270 -6.10 -20.24 -27.58
N LYS A 271 -5.37 -19.88 -28.62
CA LYS A 271 -4.29 -20.69 -29.17
C LYS A 271 -3.18 -20.92 -28.15
N THR A 272 -2.80 -19.84 -27.48
CA THR A 272 -1.66 -19.86 -26.55
C THR A 272 -2.02 -20.64 -25.29
N GLU A 273 -3.26 -20.52 -24.84
CA GLU A 273 -3.67 -21.23 -23.62
C GLU A 273 -3.54 -22.76 -23.81
N LEU A 274 -3.90 -23.25 -24.99
CA LEU A 274 -3.74 -24.67 -25.31
C LEU A 274 -2.26 -25.06 -25.26
N GLU A 275 -1.39 -24.21 -25.79
CA GLU A 275 0.06 -24.48 -25.73
C GLU A 275 0.53 -24.56 -24.29
N VAL A 276 0.02 -23.64 -23.46
CA VAL A 276 0.48 -23.53 -22.09
C VAL A 276 0.02 -24.73 -21.29
N LYS A 277 -1.19 -25.19 -21.56
CA LYS A 277 -1.70 -26.39 -20.89
C LYS A 277 -0.79 -27.60 -21.17
N ASP A 278 -0.36 -27.77 -22.42
CA ASP A 278 0.55 -28.83 -22.79
C ASP A 278 1.91 -28.67 -22.10
N TYR A 279 2.42 -27.44 -22.12
CA TYR A 279 3.68 -27.11 -21.44
C TYR A 279 3.65 -27.54 -19.97
N LEU A 280 2.60 -27.15 -19.28
CA LEU A 280 2.49 -27.45 -17.84
C LEU A 280 2.33 -28.94 -17.58
N ALA A 281 1.73 -29.66 -18.49
CA ALA A 281 1.69 -31.11 -18.38
C ALA A 281 3.09 -31.73 -18.43
N LYS A 282 4.02 -31.03 -19.05
CA LYS A 282 5.30 -31.66 -19.40
C LYS A 282 6.49 -31.08 -18.64
N HIS A 283 6.21 -30.32 -17.59
CA HIS A 283 7.29 -29.72 -16.80
C HIS A 283 7.16 -30.04 -15.31
N GLY A 284 6.51 -31.16 -15.01
CA GLY A 284 6.48 -31.68 -13.66
C GLY A 284 5.20 -31.39 -12.90
N ASN A 285 4.37 -30.46 -13.38
CA ASN A 285 3.11 -30.19 -12.66
C ASN A 285 2.11 -31.32 -12.86
N GLU A 286 1.27 -31.55 -11.86
CA GLU A 286 0.19 -32.53 -11.98
C GLU A 286 -1.13 -31.81 -12.16
N ILE A 287 -1.72 -31.99 -13.34
CA ILE A 287 -2.97 -31.34 -13.67
C ILE A 287 -4.12 -32.27 -13.32
N ILE A 288 -4.99 -31.82 -12.44
CA ILE A 288 -6.15 -32.61 -12.05
C ILE A 288 -7.38 -32.06 -12.76
N VAL A 289 -8.03 -32.89 -13.56
CA VAL A 289 -9.32 -32.50 -14.13
C VAL A 289 -10.41 -33.00 -13.17
N PRO A 290 -11.23 -32.07 -12.62
CA PRO A 290 -12.18 -32.53 -11.61
C PRO A 290 -13.15 -33.58 -12.15
N SER A 291 -13.51 -34.51 -11.30
CA SER A 291 -14.52 -35.49 -11.65
C SER A 291 -15.88 -34.82 -11.81
N GLU A 292 -16.84 -35.52 -12.38
CA GLU A 292 -18.17 -34.96 -12.50
C GLU A 292 -18.72 -34.58 -11.12
N ALA A 293 -18.48 -35.44 -10.12
CA ALA A 293 -18.96 -35.18 -8.76
C ALA A 293 -18.30 -33.96 -8.10
N PHE A 294 -16.99 -33.84 -8.27
CA PHE A 294 -16.25 -32.69 -7.72
C PHE A 294 -16.75 -31.41 -8.38
N LYS A 295 -16.87 -31.47 -9.70
CA LYS A 295 -17.46 -30.40 -10.50
C LYS A 295 -18.85 -29.97 -10.00
N ASN A 296 -19.75 -30.94 -9.86
CA ASN A 296 -21.08 -30.64 -9.45
C ASN A 296 -21.12 -30.07 -8.03
N ASP A 297 -20.28 -30.59 -7.15
CA ASP A 297 -20.23 -30.07 -5.80
C ASP A 297 -19.78 -28.60 -5.79
N MSE A 298 -18.82 -28.25 -6.63
CA MSE A 298 -18.34 -26.87 -6.71
C MSE A 298 -19.44 -25.94 -7.26
O MSE A 298 -19.68 -24.82 -6.76
CB MSE A 298 -17.08 -26.77 -7.56
CG MSE A 298 -15.83 -27.32 -6.88
SE MSE A 298 -14.21 -26.85 -7.87
CE MSE A 298 -14.18 -28.31 -9.13
H MSE A 298 -18.42 -28.79 -7.18
HA MSE A 298 -18.11 -26.56 -5.80
HB2 MSE A 298 -17.22 -27.27 -8.38
HB3 MSE A 298 -16.91 -25.84 -7.77
HG2 MSE A 298 -15.77 -26.95 -5.98
HG3 MSE A 298 -15.90 -28.29 -6.84
HE1 MSE A 298 -13.41 -28.20 -9.70
HE2 MSE A 298 -14.13 -29.14 -8.66
HE3 MSE A 298 -14.98 -28.28 -9.66
N VAL A 299 -20.12 -26.41 -8.30
CA VAL A 299 -21.19 -25.64 -8.89
C VAL A 299 -22.30 -25.43 -7.89
N ASN A 300 -22.73 -26.49 -7.22
CA ASN A 300 -23.80 -26.37 -6.26
C ASN A 300 -23.42 -25.42 -5.12
N ALA A 301 -22.17 -25.52 -4.68
CA ALA A 301 -21.70 -24.70 -3.57
C ALA A 301 -21.68 -23.20 -3.94
N SER A 302 -21.51 -22.92 -5.22
CA SER A 302 -21.44 -21.52 -5.68
C SER A 302 -22.79 -20.82 -5.69
N LYS A 303 -23.89 -21.58 -5.62
CA LYS A 303 -25.21 -20.99 -5.75
C LYS A 303 -25.47 -19.97 -4.64
N VAL A 304 -24.88 -20.18 -3.48
CA VAL A 304 -25.09 -19.24 -2.37
C VAL A 304 -24.67 -17.81 -2.78
N LEU A 305 -23.70 -17.70 -3.68
CA LEU A 305 -23.24 -16.38 -4.12
C LEU A 305 -24.34 -15.68 -4.89
N TYR A 306 -25.00 -16.43 -5.78
CA TYR A 306 -26.07 -15.90 -6.60
C TYR A 306 -27.29 -15.58 -5.76
N ASP A 307 -27.59 -16.42 -4.77
CA ASP A 307 -28.70 -16.12 -3.89
C ASP A 307 -28.51 -14.73 -3.31
N SER A 308 -27.29 -14.45 -2.88
CA SER A 308 -26.98 -13.17 -2.29
C SER A 308 -27.06 -12.05 -3.35
N PHE A 309 -26.55 -12.27 -4.56
CA PHE A 309 -26.60 -11.22 -5.58
C PHE A 309 -28.04 -10.77 -5.81
N TYR A 310 -28.95 -11.74 -5.92
CA TYR A 310 -30.33 -11.43 -6.22
C TYR A 310 -31.02 -10.69 -5.06
N LYS A 311 -30.54 -10.87 -3.85
CA LYS A 311 -31.08 -10.14 -2.70
C LYS A 311 -30.55 -8.73 -2.53
N LYS A 312 -29.33 -8.47 -2.99
CA LYS A 312 -28.69 -7.19 -2.67
C LYS A 312 -28.55 -6.26 -3.87
N TYR A 313 -28.68 -6.83 -5.08
CA TYR A 313 -28.59 -6.05 -6.31
C TYR A 313 -29.92 -6.07 -7.06
N ASP A 314 -30.54 -4.89 -7.21
N ASP A 314 -30.54 -4.88 -7.17
CA ASP A 314 -31.83 -4.80 -7.90
CA ASP A 314 -31.77 -4.70 -7.93
C ASP A 314 -31.72 -5.04 -9.41
C ASP A 314 -31.68 -5.24 -9.35
N TRP A 315 -30.49 -5.07 -9.93
CA TRP A 315 -30.28 -5.26 -11.36
C TRP A 315 -29.85 -6.68 -11.73
N ALA A 316 -29.56 -7.50 -10.73
CA ALA A 316 -28.89 -8.77 -11.01
C ALA A 316 -29.77 -9.71 -11.82
N LYS A 317 -31.06 -9.80 -11.47
CA LYS A 317 -31.97 -10.70 -12.17
C LYS A 317 -32.02 -10.36 -13.67
N ASP A 318 -32.19 -9.08 -13.96
CA ASP A 318 -32.28 -8.60 -15.33
C ASP A 318 -30.96 -8.80 -16.10
N VAL A 319 -29.83 -8.52 -15.45
CA VAL A 319 -28.54 -8.60 -16.13
C VAL A 319 -28.23 -10.04 -16.47
N VAL A 320 -28.42 -10.94 -15.51
CA VAL A 320 -28.15 -12.34 -15.75
C VAL A 320 -29.06 -12.88 -16.86
N GLN A 321 -30.31 -12.43 -16.88
CA GLN A 321 -31.23 -12.81 -17.95
C GLN A 321 -30.70 -12.36 -19.32
N LYS A 322 -30.21 -11.14 -19.40
CA LYS A 322 -29.71 -10.64 -20.68
C LYS A 322 -28.43 -11.36 -21.09
N ILE A 323 -27.61 -11.70 -20.12
CA ILE A 323 -26.39 -12.45 -20.38
C ILE A 323 -26.73 -13.83 -20.95
N ASN A 324 -27.70 -14.49 -20.33
CA ASN A 324 -28.15 -15.79 -20.82
C ASN A 324 -28.78 -15.68 -22.22
N GLU A 325 -29.54 -14.62 -22.47
CA GLU A 325 -30.13 -14.41 -23.79
C GLU A 325 -29.07 -14.18 -24.89
N ALA A 326 -27.91 -13.65 -24.51
CA ALA A 326 -26.83 -13.41 -25.48
C ALA A 326 -26.00 -14.65 -25.80
N LYS A 327 -26.15 -15.71 -25.00
CA LYS A 327 -25.42 -16.94 -25.25
C LYS A 327 -25.89 -17.62 -26.53
N LYS B 24 -6.26 35.47 12.49
CA LYS B 24 -4.99 34.76 12.41
C LYS B 24 -5.06 33.57 11.43
N THR B 25 -4.18 33.59 10.42
CA THR B 25 -4.25 32.64 9.32
C THR B 25 -3.35 31.43 9.54
N ILE B 26 -3.97 30.27 9.69
CA ILE B 26 -3.23 29.03 9.89
C ILE B 26 -2.96 28.37 8.55
N ILE B 27 -1.69 28.18 8.22
CA ILE B 27 -1.32 27.50 7.00
C ILE B 27 -0.62 26.19 7.32
N LYS B 28 -1.26 25.09 6.95
CA LYS B 28 -0.73 23.77 7.20
C LYS B 28 0.14 23.33 6.05
N LEU B 29 1.38 22.98 6.38
CA LEU B 29 2.38 22.65 5.39
C LEU B 29 2.80 21.19 5.55
N GLY B 30 2.63 20.39 4.50
CA GLY B 30 2.95 18.98 4.59
C GLY B 30 4.12 18.54 3.73
N HIS B 31 4.87 17.55 4.21
CA HIS B 31 5.90 16.94 3.38
C HIS B 31 6.10 15.48 3.77
N TYR B 32 6.98 14.80 3.06
CA TYR B 32 7.12 13.34 3.21
C TYR B 32 8.29 12.90 4.05
N ASN B 33 9.22 13.82 4.29
CA ASN B 33 10.39 13.48 5.10
C ASN B 33 10.08 13.48 6.59
N SER B 34 11.00 12.98 7.38
CA SER B 34 10.78 12.85 8.82
C SER B 34 11.03 14.17 9.51
N ASP B 35 10.62 14.27 10.79
CA ASP B 35 10.78 15.52 11.52
C ASP B 35 12.24 15.80 11.84
N ILE B 36 13.15 14.84 11.61
CA ILE B 36 14.57 15.16 11.81
C ILE B 36 15.36 15.33 10.51
N HIS B 37 14.65 15.35 9.37
CA HIS B 37 15.28 15.64 8.10
C HIS B 37 15.66 17.12 8.10
N PRO B 38 16.78 17.48 7.45
CA PRO B 38 17.15 18.90 7.44
C PRO B 38 16.07 19.85 6.90
N SER B 39 15.24 19.38 5.98
CA SER B 39 14.15 20.22 5.47
C SER B 39 13.18 20.58 6.60
N HIS B 40 12.84 19.61 7.46
CA HIS B 40 11.96 19.91 8.57
C HIS B 40 12.59 20.85 9.57
N ILE B 41 13.83 20.57 9.92
CA ILE B 41 14.56 21.42 10.85
C ILE B 41 14.64 22.85 10.35
N ALA B 42 14.98 23.02 9.07
CA ALA B 42 15.11 24.35 8.50
C ALA B 42 13.75 25.02 8.37
N LEU B 43 12.69 24.24 8.13
CA LEU B 43 11.36 24.83 8.08
C LEU B 43 11.06 25.41 9.45
N GLN B 44 11.34 24.65 10.50
CA GLN B 44 11.01 25.08 11.86
C GLN B 44 11.77 26.35 12.24
N GLU B 45 13.08 26.30 12.02
CA GLU B 45 13.97 27.36 12.50
C GLU B 45 14.03 28.61 11.64
N TYR B 46 13.79 28.48 10.34
CA TYR B 46 13.97 29.61 9.43
C TYR B 46 12.70 30.05 8.71
N PHE B 47 11.97 29.13 8.10
CA PHE B 47 10.76 29.51 7.36
C PHE B 47 9.63 29.93 8.29
N LYS B 48 9.23 29.00 9.16
CA LYS B 48 8.23 29.27 10.18
C LYS B 48 8.56 30.48 11.06
N LYS B 49 9.75 30.49 11.65
CA LYS B 49 10.11 31.54 12.61
C LYS B 49 10.13 32.93 11.98
N THR B 50 10.68 33.05 10.77
CA THR B 50 10.75 34.34 10.08
C THR B 50 9.35 34.86 9.81
N ILE B 51 8.49 34.00 9.26
CA ILE B 51 7.13 34.43 8.95
C ILE B 51 6.34 34.81 10.19
N GLU B 52 6.35 33.94 11.20
CA GLU B 52 5.57 34.18 12.40
C GLU B 52 6.07 35.43 13.13
N ASN B 53 7.38 35.61 13.17
CA ASN B 53 7.92 36.76 13.88
C ASN B 53 7.68 38.08 13.16
N GLU B 54 7.95 38.09 11.86
CA GLU B 54 7.99 39.34 11.11
C GLU B 54 6.61 39.80 10.71
N THR B 55 5.62 38.90 10.77
CA THR B 55 4.24 39.30 10.51
C THR B 55 3.51 39.49 11.83
N ASN B 56 4.24 39.39 12.93
CA ASN B 56 3.66 39.54 14.25
C ASN B 56 2.53 38.54 14.48
N HIS B 57 2.73 37.32 13.99
CA HIS B 57 1.79 36.22 14.22
C HIS B 57 0.45 36.38 13.51
N LYS B 58 0.45 37.15 12.42
CA LYS B 58 -0.69 37.21 11.52
C LYS B 58 -0.87 35.85 10.86
N TYR B 59 0.24 35.14 10.70
CA TYR B 59 0.25 33.79 10.15
C TYR B 59 0.84 32.81 11.14
N GLU B 60 0.30 31.59 11.14
CA GLU B 60 0.92 30.46 11.82
C GLU B 60 1.22 29.42 10.76
N ILE B 61 2.47 29.00 10.65
CA ILE B 61 2.86 27.94 9.72
C ILE B 61 3.00 26.61 10.49
N ARG B 62 2.03 25.71 10.32
CA ARG B 62 2.01 24.46 11.06
C ARG B 62 2.59 23.36 10.18
N LEU B 63 3.59 22.65 10.71
CA LEU B 63 4.40 21.69 9.94
C LEU B 63 3.99 20.24 10.19
N TYR B 64 3.83 19.50 9.09
CA TYR B 64 3.31 18.13 9.15
C TYR B 64 4.23 17.22 8.37
N PRO B 65 5.10 16.50 9.07
CA PRO B 65 6.04 15.59 8.42
C PRO B 65 5.41 14.26 8.08
N ASN B 66 6.20 13.39 7.45
CA ASN B 66 5.90 11.98 7.37
C ASN B 66 4.54 11.67 6.75
N ASN B 67 4.14 12.45 5.75
CA ASN B 67 2.91 12.22 5.00
C ASN B 67 1.66 12.40 5.84
N GLN B 68 1.72 13.20 6.90
CA GLN B 68 0.54 13.37 7.73
C GLN B 68 -0.60 14.08 7.01
N LEU B 69 -0.29 14.97 6.06
CA LEU B 69 -1.36 15.65 5.29
C LEU B 69 -1.67 14.90 4.01
N GLY B 70 -0.98 13.78 3.80
CA GLY B 70 -1.14 12.97 2.62
C GLY B 70 0.22 12.55 2.07
N GLY B 71 0.23 11.49 1.28
CA GLY B 71 1.40 11.08 0.53
C GLY B 71 1.82 12.18 -0.43
N GLU B 72 3.00 12.03 -1.00
CA GLU B 72 3.59 13.09 -1.86
C GLU B 72 2.67 13.47 -3.04
N ASP B 73 2.06 12.46 -3.67
CA ASP B 73 1.15 12.69 -4.77
C ASP B 73 -0.08 13.49 -4.31
N GLN B 74 -0.53 13.19 -3.08
CA GLN B 74 -1.67 13.89 -2.49
C GLN B 74 -1.32 15.34 -2.14
N ILE B 75 -0.08 15.59 -1.72
CA ILE B 75 0.36 16.96 -1.44
C ILE B 75 0.35 17.78 -2.73
N VAL B 76 0.91 17.23 -3.81
CA VAL B 76 0.86 17.92 -5.10
C VAL B 76 -0.57 18.28 -5.48
N ASN B 77 -1.48 17.32 -5.41
CA ASN B 77 -2.83 17.61 -5.81
C ASN B 77 -3.53 18.64 -4.92
N GLY B 78 -3.25 18.60 -3.63
CA GLY B 78 -3.83 19.51 -2.67
C GLY B 78 -3.33 20.93 -2.89
N LEU B 79 -2.06 21.04 -3.22
CA LEU B 79 -1.53 22.34 -3.58
C LEU B 79 -2.27 22.92 -4.79
N ARG B 80 -2.48 22.09 -5.81
CA ARG B 80 -3.15 22.56 -7.00
C ARG B 80 -4.58 23.04 -6.72
N ASN B 81 -5.35 22.31 -5.91
CA ASN B 81 -6.74 22.69 -5.71
C ASN B 81 -7.00 23.56 -4.47
N GLY B 82 -5.94 23.90 -3.74
CA GLY B 82 -6.03 24.77 -2.60
C GLY B 82 -6.38 24.11 -1.29
N THR B 83 -6.62 22.79 -1.30
CA THR B 83 -6.99 22.10 -0.06
C THR B 83 -5.81 21.84 0.86
N ILE B 84 -4.60 21.88 0.32
CA ILE B 84 -3.39 21.83 1.10
C ILE B 84 -2.64 23.08 0.73
N GLU B 85 -2.41 23.94 1.71
CA GLU B 85 -1.96 25.29 1.43
C GLU B 85 -0.48 25.45 1.20
N ALA B 86 0.34 24.54 1.72
CA ALA B 86 1.77 24.61 1.49
C ALA B 86 2.37 23.23 1.63
N GLY B 87 3.57 23.04 1.08
CA GLY B 87 4.21 21.76 1.23
C GLY B 87 5.60 21.72 0.66
N ILE B 88 6.30 20.62 0.95
CA ILE B 88 7.51 20.27 0.19
C ILE B 88 7.27 18.93 -0.50
N THR B 89 7.54 18.89 -1.79
CA THR B 89 7.44 17.66 -2.58
C THR B 89 8.64 17.61 -3.50
N GLY B 90 8.85 16.44 -4.09
CA GLY B 90 9.69 16.33 -5.26
C GLY B 90 8.95 16.68 -6.54
N LEU B 91 9.37 16.02 -7.62
CA LEU B 91 9.00 16.45 -8.97
C LEU B 91 7.85 15.65 -9.57
N LEU B 92 6.92 15.18 -8.75
CA LEU B 92 5.83 14.35 -9.27
C LEU B 92 4.90 15.05 -10.25
N LEU B 93 4.87 16.40 -10.21
CA LEU B 93 4.09 17.17 -11.18
C LEU B 93 4.59 16.94 -12.62
N GLN B 94 5.76 16.33 -12.77
CA GLN B 94 6.25 15.98 -14.12
C GLN B 94 5.29 15.03 -14.84
N ASN B 95 4.49 14.28 -14.08
CA ASN B 95 3.50 13.41 -14.72
C ASN B 95 2.42 14.19 -15.50
N VAL B 96 2.17 15.44 -15.08
CA VAL B 96 1.26 16.35 -15.78
C VAL B 96 1.99 17.18 -16.85
N ASP B 97 3.18 17.66 -16.53
CA ASP B 97 3.98 18.41 -17.50
C ASP B 97 5.44 18.04 -17.27
N PRO B 98 6.04 17.33 -18.23
CA PRO B 98 7.37 16.73 -18.03
C PRO B 98 8.49 17.73 -17.83
N ILE B 99 8.28 18.99 -18.17
CA ILE B 99 9.31 20.00 -17.94
C ILE B 99 9.70 20.07 -16.46
N PHE B 100 8.75 19.80 -15.57
CA PHE B 100 9.04 19.89 -14.14
C PHE B 100 9.95 18.78 -13.62
N GLY B 101 10.11 17.70 -14.39
CA GLY B 101 10.90 16.56 -13.96
C GLY B 101 12.35 16.63 -14.41
N VAL B 102 12.71 17.70 -15.13
CA VAL B 102 14.01 17.77 -15.79
C VAL B 102 15.18 17.67 -14.79
N TRP B 103 15.02 18.22 -13.59
CA TRP B 103 16.15 18.25 -12.63
C TRP B 103 16.59 16.85 -12.19
N GLU B 104 15.72 15.86 -12.32
CA GLU B 104 16.04 14.47 -11.98
C GLU B 104 16.49 13.64 -13.17
N TRP B 105 16.77 14.27 -14.31
CA TRP B 105 17.28 13.48 -15.41
C TRP B 105 18.66 12.97 -15.02
N PRO B 106 18.99 11.73 -15.41
CA PRO B 106 20.21 11.09 -14.90
C PRO B 106 21.50 11.83 -15.26
N TYR B 107 22.40 11.91 -14.28
CA TYR B 107 23.75 12.44 -14.49
C TYR B 107 23.79 13.89 -14.94
N LEU B 108 22.77 14.65 -14.59
CA LEU B 108 22.73 16.05 -14.95
C LEU B 108 23.76 16.88 -14.15
N PHE B 109 23.94 16.56 -12.87
CA PHE B 109 24.78 17.36 -11.99
C PHE B 109 25.92 16.52 -11.45
N LYS B 110 27.13 17.06 -11.40
CA LYS B 110 28.29 16.27 -10.96
C LYS B 110 28.43 16.18 -9.44
N ASP B 111 27.82 17.11 -8.71
CA ASP B 111 27.91 17.16 -7.26
C ASP B 111 26.87 18.10 -6.66
N ASN B 112 26.80 18.14 -5.33
CA ASN B 112 25.75 18.93 -4.67
C ASN B 112 25.86 20.41 -5.00
N GLN B 113 27.09 20.90 -5.05
CA GLN B 113 27.34 22.31 -5.33
C GLN B 113 26.83 22.70 -6.72
N GLU B 114 27.07 21.84 -7.70
CA GLU B 114 26.62 22.12 -9.06
C GLU B 114 25.11 22.07 -9.15
N ALA B 115 24.49 21.11 -8.47
CA ALA B 115 23.03 21.05 -8.44
C ALA B 115 22.48 22.36 -7.89
N LYS B 116 23.04 22.84 -6.79
CA LYS B 116 22.59 24.08 -6.17
C LYS B 116 22.78 25.26 -7.15
N LYS B 117 23.94 25.33 -7.76
CA LYS B 117 24.22 26.40 -8.72
C LYS B 117 23.16 26.49 -9.81
N VAL B 118 22.82 25.33 -10.41
CA VAL B 118 21.86 25.29 -11.51
C VAL B 118 20.46 25.63 -11.00
N LEU B 119 20.13 25.14 -9.82
CA LEU B 119 18.79 25.33 -9.29
C LEU B 119 18.61 26.77 -8.82
N GLU B 120 19.69 27.54 -8.74
CA GLU B 120 19.61 28.94 -8.34
C GLU B 120 19.76 29.87 -9.56
N SER B 121 19.77 29.28 -10.76
CA SER B 121 19.96 30.02 -12.01
C SER B 121 18.63 30.42 -12.66
N PRO B 122 18.69 31.33 -13.63
CA PRO B 122 17.48 31.83 -14.29
C PRO B 122 16.63 30.73 -14.93
N ILE B 123 17.21 29.70 -15.54
CA ILE B 123 16.40 28.70 -16.20
C ILE B 123 15.56 27.95 -15.15
N ALA B 124 16.13 27.75 -13.97
CA ALA B 124 15.37 27.07 -12.90
C ALA B 124 14.22 27.97 -12.39
N ASN B 125 14.50 29.26 -12.25
CA ASN B 125 13.45 30.19 -11.86
C ASN B 125 12.32 30.21 -12.89
N LYS B 126 12.67 30.21 -14.17
CA LYS B 126 11.68 30.33 -15.24
C LYS B 126 10.78 29.10 -15.28
N ILE B 127 11.36 27.91 -15.18
CA ILE B 127 10.60 26.67 -15.14
C ILE B 127 9.74 26.63 -13.87
N GLY B 128 10.29 27.09 -12.76
CA GLY B 128 9.51 27.15 -11.52
C GLY B 128 8.28 28.03 -11.66
N GLN B 129 8.41 29.14 -12.41
CA GLN B 129 7.29 30.05 -12.63
C GLN B 129 6.16 29.37 -13.40
N LYS B 130 6.51 28.40 -14.23
CA LYS B 130 5.50 27.69 -15.01
C LYS B 130 4.54 26.87 -14.12
N MSE B 131 4.93 26.61 -12.88
CA MSE B 131 4.04 25.84 -12.01
C MSE B 131 2.74 26.62 -11.69
O MSE B 131 1.71 26.02 -11.33
CB MSE B 131 4.77 25.51 -10.72
CG MSE B 131 6.01 24.64 -10.98
SE MSE B 131 6.85 24.05 -9.27
CE MSE B 131 5.64 22.89 -8.91
H MSE B 131 5.67 26.85 -12.53
HA MSE B 131 3.80 25.00 -12.45
HB2 MSE B 131 5.06 26.33 -10.29
HB3 MSE B 131 4.17 25.01 -10.13
HG2 MSE B 131 5.75 23.84 -11.48
HG3 MSE B 131 6.67 25.15 -11.48
HE1 MSE B 131 5.87 22.46 -8.07
HE2 MSE B 131 4.80 23.33 -8.84
HE3 MSE B 131 5.61 22.24 -9.61
N GLU B 132 2.79 27.95 -11.85
CA GLU B 132 1.61 28.78 -11.55
C GLU B 132 0.42 28.43 -12.44
N LYS B 133 0.72 28.01 -13.67
CA LYS B 133 -0.29 27.55 -14.60
C LYS B 133 -1.06 26.33 -14.07
N TYR B 134 -0.44 25.61 -13.14
CA TYR B 134 -1.01 24.39 -12.57
C TYR B 134 -1.48 24.61 -11.12
N GLY B 135 -1.47 25.89 -10.68
CA GLY B 135 -2.02 26.27 -9.37
C GLY B 135 -1.02 26.27 -8.23
N ILE B 136 0.27 26.33 -8.56
CA ILE B 136 1.30 26.25 -7.53
C ILE B 136 2.32 27.39 -7.62
N LYS B 137 2.59 28.00 -6.46
CA LYS B 137 3.65 29.01 -6.34
C LYS B 137 4.88 28.39 -5.71
N LEU B 138 5.95 28.34 -6.50
CA LEU B 138 7.21 27.83 -5.98
C LEU B 138 7.95 28.89 -5.22
N LEU B 139 8.36 28.57 -4.00
CA LEU B 139 9.13 29.50 -3.21
C LEU B 139 10.63 29.18 -3.10
N ALA B 140 11.01 27.90 -3.19
CA ALA B 140 12.43 27.55 -3.03
C ALA B 140 12.74 26.17 -3.57
N TYR B 141 13.98 26.02 -4.05
CA TYR B 141 14.50 24.69 -4.40
C TYR B 141 15.48 24.27 -3.33
N GLY B 142 15.09 23.28 -2.53
CA GLY B 142 15.96 22.72 -1.53
C GLY B 142 16.54 21.40 -2.00
N MSE B 143 17.35 20.77 -1.14
CA MSE B 143 18.04 19.52 -1.44
C MSE B 143 17.45 18.33 -0.70
O MSE B 143 17.37 18.35 0.53
CB MSE B 143 19.49 19.62 -1.04
CG MSE B 143 20.26 18.30 -1.08
SE MSE B 143 22.15 18.66 -0.77
CE MSE B 143 22.59 16.93 0.09
H MSE B 143 17.53 21.07 -0.35
HA MSE B 143 18.00 19.35 -2.41
HB2 MSE B 143 19.93 20.24 -1.65
HB3 MSE B 143 19.54 19.97 -0.14
HG2 MSE B 143 19.94 17.72 -0.38
HG3 MSE B 143 20.16 17.88 -1.95
HE1 MSE B 143 23.52 16.93 0.32
HE2 MSE B 143 22.06 16.84 0.88
HE3 MSE B 143 22.40 16.22 -0.52
N ASN B 144 17.07 17.29 -1.43
CA ASN B 144 16.94 15.96 -0.82
C ASN B 144 18.19 15.13 -1.10
N GLY B 145 18.71 15.21 -2.33
CA GLY B 145 20.05 14.74 -2.61
C GLY B 145 20.17 13.76 -3.77
N PHE B 146 21.41 13.38 -4.09
CA PHE B 146 21.66 12.29 -5.02
C PHE B 146 21.07 10.98 -4.52
N ARG B 147 20.49 10.22 -5.44
CA ARG B 147 19.86 8.98 -5.08
C ARG B 147 20.88 7.83 -5.24
N VAL B 148 20.84 6.91 -4.28
CA VAL B 148 21.63 5.69 -4.30
C VAL B 148 20.68 4.47 -4.25
N ILE B 149 21.19 3.30 -4.62
CA ILE B 149 20.35 2.11 -4.76
C ILE B 149 20.62 1.22 -3.56
N SER B 150 19.59 0.95 -2.76
CA SER B 150 19.71 -0.03 -1.70
C SER B 150 19.14 -1.34 -2.18
N SER B 151 19.66 -2.43 -1.65
N SER B 151 19.65 -2.45 -1.64
CA SER B 151 19.32 -3.75 -2.14
CA SER B 151 19.25 -3.75 -2.12
C SER B 151 19.66 -4.86 -1.15
C SER B 151 19.65 -4.86 -1.16
N ASN B 152 18.97 -5.99 -1.28
CA ASN B 152 19.36 -7.18 -0.56
C ASN B 152 20.19 -8.11 -1.44
N LYS B 153 20.25 -7.80 -2.74
CA LYS B 153 21.17 -8.49 -3.65
C LYS B 153 22.43 -7.65 -3.86
N LYS B 154 23.61 -8.25 -3.80
CA LYS B 154 24.83 -7.49 -4.01
C LYS B 154 24.90 -7.02 -5.47
N LEU B 155 25.11 -5.73 -5.67
CA LEU B 155 25.22 -5.17 -7.01
C LEU B 155 26.59 -4.51 -7.19
N GLU B 156 27.42 -5.10 -8.03
CA GLU B 156 28.79 -4.62 -8.24
C GLU B 156 29.15 -4.43 -9.71
N LYS B 157 28.28 -4.90 -10.59
CA LYS B 157 28.47 -4.74 -12.03
C LYS B 157 27.13 -4.62 -12.73
N PHE B 158 27.13 -4.08 -13.95
CA PHE B 158 25.89 -3.82 -14.67
C PHE B 158 25.01 -5.07 -14.83
N ASP B 159 25.62 -6.23 -15.08
CA ASP B 159 24.83 -7.45 -15.31
C ASP B 159 24.01 -7.83 -14.07
N ASP B 160 24.42 -7.34 -12.91
CA ASP B 160 23.74 -7.70 -11.67
C ASP B 160 22.32 -7.12 -11.59
N PHE B 161 22.03 -6.10 -12.41
CA PHE B 161 20.72 -5.46 -12.45
C PHE B 161 19.67 -6.36 -13.09
N LYS B 162 20.09 -7.25 -13.98
CA LYS B 162 19.10 -8.05 -14.71
C LYS B 162 18.28 -8.91 -13.75
N GLY B 163 16.96 -8.78 -13.85
CA GLY B 163 16.07 -9.58 -13.00
C GLY B 163 15.81 -8.89 -11.67
N LEU B 164 16.51 -7.80 -11.40
CA LEU B 164 16.34 -7.13 -10.12
C LEU B 164 14.97 -6.48 -10.01
N ARG B 165 14.25 -6.79 -8.93
CA ARG B 165 12.97 -6.18 -8.68
C ARG B 165 13.21 -4.95 -7.79
N LEU B 166 13.00 -3.78 -8.36
CA LEU B 166 13.29 -2.52 -7.68
C LEU B 166 12.04 -1.67 -7.58
N ARG B 167 11.71 -1.19 -6.38
CA ARG B 167 10.67 -0.18 -6.28
C ARG B 167 11.19 1.15 -6.84
N VAL B 168 10.34 1.84 -7.59
CA VAL B 168 10.60 3.22 -8.01
C VAL B 168 9.43 4.12 -7.56
N PRO B 169 9.65 5.43 -7.49
CA PRO B 169 8.60 6.39 -7.12
C PRO B 169 7.47 6.44 -8.13
N LEU B 170 6.47 7.21 -7.75
CA LEU B 170 5.26 7.39 -8.52
C LEU B 170 5.50 8.40 -9.68
N ASN B 171 6.47 8.08 -10.53
CA ASN B 171 6.94 8.96 -11.57
C ASN B 171 7.48 8.08 -12.71
N SER B 172 6.86 8.17 -13.87
CA SER B 172 7.22 7.30 -14.97
C SER B 172 8.66 7.49 -15.47
N LEU B 173 9.27 8.66 -15.24
CA LEU B 173 10.69 8.84 -15.53
C LEU B 173 11.53 7.76 -14.84
N PHE B 174 11.21 7.42 -13.60
CA PHE B 174 12.02 6.48 -12.85
C PHE B 174 11.77 5.03 -13.32
N VAL B 175 10.54 4.78 -13.77
CA VAL B 175 10.20 3.52 -14.39
C VAL B 175 11.05 3.35 -15.64
N ASP B 176 11.15 4.41 -16.46
CA ASP B 176 11.95 4.36 -17.68
C ASP B 176 13.44 4.21 -17.36
N TRP B 177 13.91 4.96 -16.37
CA TRP B 177 15.29 4.85 -15.93
C TRP B 177 15.63 3.40 -15.52
N ALA B 178 14.78 2.76 -14.73
CA ALA B 178 15.08 1.41 -14.29
C ALA B 178 15.14 0.47 -15.48
N LYS B 179 14.19 0.61 -16.40
CA LYS B 179 14.17 -0.24 -17.59
C LYS B 179 15.43 -0.06 -18.43
N ALA B 180 15.95 1.16 -18.43
CA ALA B 180 17.19 1.43 -19.15
C ALA B 180 18.38 0.72 -18.51
N MSE B 181 18.28 0.41 -17.21
CA MSE B 181 19.31 -0.34 -16.51
C MSE B 181 19.08 -1.85 -16.57
O MSE B 181 19.80 -2.63 -15.94
CB MSE B 181 19.36 0.07 -15.04
CG MSE B 181 19.56 1.55 -14.84
SE MSE B 181 21.28 2.23 -15.44
CE MSE B 181 20.64 3.39 -16.83
H MSE B 181 17.61 0.63 -16.72
HA MSE B 181 20.18 -0.14 -16.91
HB2 MSE B 181 18.52 -0.17 -14.62
HB3 MSE B 181 20.09 -0.38 -14.61
HG2 MSE B 181 18.87 2.02 -15.32
HG3 MSE B 181 19.48 1.74 -13.90
HE1 MSE B 181 21.39 3.83 -17.23
HE2 MSE B 181 20.17 2.86 -17.47
HE3 MSE B 181 20.05 4.04 -16.44
N ASN B 182 18.04 -2.25 -17.29
CA ASN B 182 17.58 -3.63 -17.34
C ASN B 182 17.07 -4.15 -15.99
N ILE B 183 16.59 -3.22 -15.17
CA ILE B 183 15.95 -3.52 -13.89
C ILE B 183 14.45 -3.74 -14.14
N ASN B 184 13.80 -4.55 -13.32
CA ASN B 184 12.35 -4.72 -13.34
C ASN B 184 11.72 -3.82 -12.28
N PRO B 185 11.22 -2.64 -12.69
CA PRO B 185 10.69 -1.72 -11.69
C PRO B 185 9.25 -2.00 -11.31
N GLN B 186 8.88 -1.65 -10.09
CA GLN B 186 7.47 -1.51 -9.76
C GLN B 186 7.28 -0.17 -9.05
N SER B 187 6.46 0.70 -9.64
CA SER B 187 6.15 1.98 -9.02
C SER B 187 5.23 1.76 -7.79
N MSE B 188 5.65 2.32 -6.64
N MSE B 188 5.62 2.32 -6.65
CA MSE B 188 4.95 2.18 -5.37
CA MSE B 188 4.80 2.20 -5.45
C MSE B 188 5.01 3.48 -4.56
C MSE B 188 5.05 3.35 -4.46
O MSE B 188 6.02 4.20 -4.61
O MSE B 188 6.18 3.86 -4.32
CB MSE B 188 5.59 1.08 -4.54
CB MSE B 188 5.02 0.84 -4.78
CG MSE B 188 5.64 -0.27 -5.20
CG MSE B 188 5.99 0.83 -3.64
SE MSE B 188 6.53 -1.58 -4.08
SE MSE B 188 6.19 -0.95 -2.86
CE MSE B 188 6.20 -0.78 -2.33
CE MSE B 188 6.60 -1.94 -4.50
H MSE B 188 6.36 2.79 -6.59
H MSE B 188 6.36 2.75 -6.53
HA MSE B 188 4.01 1.95 -5.54
HA MSE B 188 3.86 2.25 -5.73
HB2 MSE B 188 6.49 1.34 -4.33
HB2 MSE B 188 4.16 0.53 -4.44
HB3 MSE B 188 5.08 0.98 -3.72
HB3 MSE B 188 5.35 0.22 -5.45
HG2 MSE B 188 4.73 -0.58 -5.37
HG2 MSE B 188 6.86 1.13 -3.95
HG3 MSE B 188 6.12 -0.19 -6.04
HG3 MSE B 188 5.67 1.43 -2.94
HE1 MSE B 188 6.60 -1.34 -1.65
HE1 MSE B 188 6.73 -2.86 -4.28
HE2 MSE B 188 6.59 0.09 -2.31
HE2 MSE B 188 5.86 -1.84 -5.11
HE3 MSE B 188 5.26 -0.72 -2.19
HE3 MSE B 188 7.39 -1.57 -4.90
N PRO B 189 3.97 3.77 -3.76
CA PRO B 189 4.11 4.84 -2.79
C PRO B 189 5.20 4.55 -1.75
N LEU B 190 5.91 5.60 -1.35
CA LEU B 190 7.03 5.47 -0.45
C LEU B 190 6.63 4.80 0.87
N SER B 191 5.45 5.10 1.35
CA SER B 191 5.00 4.55 2.64
C SER B 191 4.89 3.02 2.65
N GLU B 192 4.85 2.39 1.49
CA GLU B 192 4.70 0.93 1.41
C GLU B 192 6.03 0.20 1.31
N VAL B 193 7.11 0.95 1.16
CA VAL B 193 8.38 0.35 0.77
C VAL B 193 9.04 -0.51 1.86
N PHE B 194 8.99 -0.07 3.13
CA PHE B 194 9.64 -0.84 4.19
C PHE B 194 9.11 -2.27 4.26
N THR B 195 7.81 -2.42 4.32
CA THR B 195 7.23 -3.74 4.45
C THR B 195 7.42 -4.55 3.18
N ALA B 196 7.34 -3.91 2.02
CA ALA B 196 7.56 -4.60 0.77
C ALA B 196 8.97 -5.17 0.70
N LEU B 197 9.95 -4.39 1.14
CA LEU B 197 11.32 -4.92 1.22
C LEU B 197 11.46 -6.06 2.28
N GLU B 198 10.88 -5.86 3.45
CA GLU B 198 10.96 -6.86 4.51
C GLU B 198 10.37 -8.17 4.03
N GLN B 199 9.30 -8.07 3.24
CA GLN B 199 8.60 -9.22 2.74
C GLN B 199 9.16 -9.79 1.43
N LYS B 200 10.24 -9.21 0.93
CA LYS B 200 10.86 -9.68 -0.30
C LYS B 200 9.95 -9.58 -1.54
N VAL B 201 8.99 -8.67 -1.50
CA VAL B 201 8.15 -8.37 -2.64
C VAL B 201 9.00 -7.75 -3.73
N ILE B 202 9.95 -6.91 -3.30
CA ILE B 202 10.94 -6.25 -4.15
C ILE B 202 12.28 -6.49 -3.47
N ASP B 203 13.35 -6.35 -4.24
CA ASP B 203 14.72 -6.59 -3.76
C ASP B 203 15.33 -5.31 -3.19
N GLY B 204 14.91 -4.16 -3.72
CA GLY B 204 15.61 -2.92 -3.45
C GLY B 204 14.75 -1.70 -3.77
N GLN B 205 15.32 -0.53 -3.48
CA GLN B 205 14.73 0.74 -3.85
C GLN B 205 15.87 1.74 -4.07
N GLU B 206 15.52 2.98 -4.35
CA GLU B 206 16.55 4.01 -4.55
C GLU B 206 16.07 5.36 -4.02
N ASN B 207 16.96 6.09 -3.39
CA ASN B 207 16.62 7.34 -2.74
C ASN B 207 17.88 7.93 -2.18
N PRO B 208 17.81 9.17 -1.73
CA PRO B 208 19.01 9.73 -1.11
C PRO B 208 19.40 9.07 0.23
N TYR B 209 20.66 9.21 0.62
CA TYR B 209 21.14 8.61 1.86
C TYR B 209 20.28 8.99 3.06
N MSE B 210 19.94 10.27 3.20
CA MSE B 210 19.25 10.70 4.42
C MSE B 210 17.88 10.03 4.53
O MSE B 210 17.46 9.65 5.61
CB MSE B 210 19.12 12.21 4.45
CG MSE B 210 20.45 12.87 4.71
SE MSE B 210 20.26 14.79 4.94
CE MSE B 210 19.88 15.33 3.14
H MSE B 210 20.09 10.90 2.62
HA MSE B 210 19.79 10.42 5.20
HB2 MSE B 210 18.78 12.52 3.60
HB3 MSE B 210 18.52 12.46 5.17
HG2 MSE B 210 20.84 12.51 5.51
HG3 MSE B 210 21.03 12.73 3.95
HE1 MSE B 210 19.76 16.27 3.11
HE2 MSE B 210 20.62 15.08 2.58
HE3 MSE B 210 19.08 14.88 2.84
N LEU B 211 17.18 9.90 3.40
CA LEU B 211 15.88 9.22 3.37
C LEU B 211 16.03 7.76 3.83
N ILE B 212 17.07 7.09 3.34
CA ILE B 212 17.30 5.70 3.64
C ILE B 212 17.46 5.50 5.15
N LYS B 213 18.21 6.41 5.81
CA LYS B 213 18.30 6.37 7.29
C LYS B 213 16.99 6.76 7.99
N ASP B 214 16.46 7.93 7.64
CA ASP B 214 15.30 8.53 8.32
C ASP B 214 14.07 7.59 8.33
N SER B 215 13.90 6.89 7.22
N SER B 215 13.89 6.88 7.21
CA SER B 215 12.75 6.03 7.00
CA SER B 215 12.73 6.01 7.01
C SER B 215 12.92 4.66 7.65
C SER B 215 13.00 4.57 7.44
N GLY B 216 14.16 4.33 8.01
CA GLY B 216 14.46 3.02 8.56
C GLY B 216 14.63 1.96 7.50
N LEU B 217 14.67 2.35 6.23
CA LEU B 217 14.83 1.38 5.15
C LEU B 217 16.16 0.64 5.23
N TYR B 218 17.16 1.29 5.81
CA TYR B 218 18.47 0.69 5.96
C TYR B 218 18.38 -0.61 6.76
N GLU B 219 17.32 -0.76 7.55
CA GLU B 219 17.18 -1.94 8.41
C GLU B 219 16.76 -3.20 7.67
N VAL B 220 16.25 -3.03 6.45
CA VAL B 220 15.78 -4.14 5.60
C VAL B 220 16.51 -4.23 4.25
N GLN B 221 17.73 -3.69 4.23
CA GLN B 221 18.60 -3.72 3.06
C GLN B 221 20.01 -4.01 3.57
N LYS B 222 20.75 -4.82 2.82
CA LYS B 222 22.11 -5.19 3.20
C LYS B 222 23.15 -4.34 2.52
N TYR B 223 22.84 -3.93 1.27
CA TYR B 223 23.79 -3.20 0.44
C TYR B 223 23.28 -1.84 0.02
N ILE B 224 24.20 -0.90 -0.14
CA ILE B 224 23.90 0.35 -0.79
C ILE B 224 24.96 0.55 -1.84
N ILE B 225 24.50 0.77 -3.06
CA ILE B 225 25.38 1.02 -4.18
C ILE B 225 25.34 2.53 -4.47
N GLN B 226 26.49 3.19 -4.31
CA GLN B 226 26.59 4.65 -4.41
C GLN B 226 26.55 5.10 -5.88
N SER B 227 25.41 4.86 -6.51
CA SER B 227 25.24 5.17 -7.92
C SER B 227 25.15 6.67 -8.19
N ASN B 228 24.52 7.41 -7.28
CA ASN B 228 24.20 8.83 -7.47
C ASN B 228 23.69 9.11 -8.86
N HIS B 229 22.69 8.35 -9.29
CA HIS B 229 22.26 8.33 -10.69
C HIS B 229 21.39 9.54 -11.04
N ILE B 230 20.71 10.07 -10.03
CA ILE B 230 19.72 11.11 -10.17
C ILE B 230 19.80 12.02 -8.94
N PHE B 231 19.66 13.34 -9.14
CA PHE B 231 19.59 14.29 -8.04
C PHE B 231 18.15 14.69 -7.78
N SER B 232 17.70 14.54 -6.53
CA SER B 232 16.35 14.94 -6.13
C SER B 232 16.27 16.25 -5.34
N PRO B 233 15.66 17.28 -5.93
CA PRO B 233 15.39 18.51 -5.17
C PRO B 233 14.08 18.39 -4.38
N GLY B 234 13.99 19.15 -3.30
CA GLY B 234 12.76 19.28 -2.55
C GLY B 234 12.23 20.68 -2.70
N LEU B 235 11.05 20.79 -3.33
CA LEU B 235 10.44 22.05 -3.71
C LEU B 235 9.50 22.56 -2.62
N LEU B 236 9.81 23.76 -2.11
CA LEU B 236 8.95 24.43 -1.12
C LEU B 236 7.92 25.27 -1.86
N GLN B 237 6.64 24.93 -1.67
CA GLN B 237 5.56 25.45 -2.48
C GLN B 237 4.43 25.99 -1.62
N ILE B 238 3.70 26.97 -2.16
CA ILE B 238 2.45 27.41 -1.58
C ILE B 238 1.38 27.26 -2.66
N SER B 239 0.20 26.82 -2.28
CA SER B 239 -0.92 26.79 -3.21
C SER B 239 -1.17 28.22 -3.75
N LEU B 240 -1.35 28.34 -5.05
CA LEU B 240 -1.62 29.66 -5.63
C LEU B 240 -2.89 30.26 -5.05
N LYS B 241 -3.90 29.42 -4.77
CA LYS B 241 -5.13 29.93 -4.18
C LYS B 241 -4.87 30.59 -2.82
N THR B 242 -3.95 30.02 -2.04
CA THR B 242 -3.54 30.58 -0.75
C THR B 242 -2.69 31.84 -0.94
N TRP B 243 -1.75 31.76 -1.87
CA TRP B 243 -0.87 32.89 -2.21
C TRP B 243 -1.67 34.14 -2.57
N ASN B 244 -2.72 33.94 -3.35
CA ASN B 244 -3.57 35.04 -3.83
C ASN B 244 -4.42 35.66 -2.73
N LYS B 245 -4.37 35.08 -1.53
CA LYS B 245 -5.04 35.65 -0.36
C LYS B 245 -4.08 36.45 0.52
N ILE B 246 -2.80 36.42 0.14
CA ILE B 246 -1.74 37.06 0.91
C ILE B 246 -1.26 38.32 0.20
N PRO B 247 -1.38 39.48 0.86
CA PRO B 247 -0.95 40.74 0.19
C PRO B 247 0.55 40.79 -0.05
N LYS B 248 0.95 41.63 -1.02
CA LYS B 248 2.35 41.74 -1.46
C LYS B 248 3.27 41.99 -0.26
N GLU B 249 2.84 42.87 0.64
CA GLU B 249 3.63 43.20 1.81
C GLU B 249 4.00 41.93 2.58
N ASP B 250 3.05 41.02 2.75
CA ASP B 250 3.31 39.80 3.47
C ASP B 250 4.06 38.77 2.60
N GLN B 251 3.76 38.76 1.30
CA GLN B 251 4.44 37.86 0.38
C GLN B 251 5.95 38.06 0.45
N ILE B 252 6.35 39.31 0.54
CA ILE B 252 7.77 39.65 0.60
C ILE B 252 8.40 39.00 1.83
N ILE B 253 7.65 38.92 2.91
CA ILE B 253 8.17 38.26 4.10
C ILE B 253 8.26 36.74 3.88
N PHE B 254 7.24 36.15 3.26
CA PHE B 254 7.32 34.72 2.89
C PHE B 254 8.53 34.45 2.00
N GLU B 255 8.81 35.35 1.04
CA GLU B 255 9.95 35.18 0.13
C GLU B 255 11.27 35.28 0.86
N LYS B 256 11.38 36.22 1.80
CA LYS B 256 12.58 36.33 2.65
C LYS B 256 12.78 35.06 3.45
N ALA B 257 11.67 34.56 3.99
CA ALA B 257 11.70 33.34 4.80
C ALA B 257 12.17 32.17 3.97
N ALA B 258 11.66 32.09 2.74
CA ALA B 258 12.00 31.01 1.81
C ALA B 258 13.47 31.05 1.41
N LYS B 259 13.99 32.25 1.14
CA LYS B 259 15.39 32.40 0.76
C LYS B 259 16.33 31.94 1.89
N LEU B 260 15.99 32.31 3.12
CA LEU B 260 16.77 31.90 4.27
C LEU B 260 16.66 30.39 4.48
N TYR B 261 15.44 29.88 4.39
CA TYR B 261 15.21 28.43 4.40
C TYR B 261 16.16 27.72 3.42
N GLN B 262 16.21 28.22 2.18
CA GLN B 262 16.96 27.56 1.13
C GLN B 262 18.45 27.54 1.45
N GLU B 263 19.03 28.70 1.78
CA GLU B 263 20.44 28.76 2.17
C GLU B 263 20.78 27.76 3.30
N LYS B 264 19.99 27.81 4.35
CA LYS B 264 20.29 27.01 5.53
C LYS B 264 20.03 25.52 5.30
N GLU B 265 19.01 25.20 4.50
CA GLU B 265 18.67 23.81 4.26
C GLU B 265 19.73 23.14 3.42
N TRP B 266 20.26 23.85 2.42
CA TRP B 266 21.32 23.27 1.60
C TRP B 266 22.55 23.01 2.45
N GLU B 267 22.91 23.98 3.28
CA GLU B 267 24.05 23.85 4.19
C GLU B 267 23.87 22.64 5.13
N LEU B 268 22.69 22.57 5.75
CA LEU B 268 22.39 21.52 6.71
C LEU B 268 22.28 20.14 6.05
N ALA B 269 21.71 20.08 4.85
CA ALA B 269 21.57 18.82 4.12
C ALA B 269 22.96 18.28 3.74
N ILE B 270 23.81 19.15 3.24
CA ILE B 270 25.15 18.70 2.86
C ILE B 270 25.91 18.14 4.06
N LYS B 271 25.83 18.84 5.18
CA LYS B 271 26.52 18.43 6.40
C LYS B 271 25.98 17.11 6.93
N THR B 272 24.65 17.02 6.96
CA THR B 272 23.94 15.91 7.56
C THR B 272 24.09 14.65 6.72
N GLU B 273 24.09 14.81 5.40
CA GLU B 273 24.30 13.69 4.52
C GLU B 273 25.64 12.98 4.80
N LEU B 274 26.70 13.74 5.04
CA LEU B 274 27.98 13.13 5.38
C LEU B 274 27.90 12.32 6.67
N GLU B 275 27.18 12.86 7.66
CA GLU B 275 27.03 12.16 8.94
C GLU B 275 26.31 10.86 8.70
N VAL B 276 25.27 10.92 7.87
CA VAL B 276 24.41 9.76 7.65
C VAL B 276 25.15 8.62 6.90
N LYS B 277 25.95 8.97 5.91
CA LYS B 277 26.75 7.97 5.22
C LYS B 277 27.63 7.22 6.21
N ASP B 278 28.22 7.95 7.16
CA ASP B 278 29.08 7.32 8.14
C ASP B 278 28.24 6.41 9.04
N TYR B 279 27.11 6.91 9.52
CA TYR B 279 26.19 6.09 10.32
C TYR B 279 25.82 4.78 9.62
N LEU B 280 25.42 4.88 8.36
CA LEU B 280 24.85 3.71 7.68
C LEU B 280 25.86 2.59 7.56
N ALA B 281 27.10 2.95 7.19
CA ALA B 281 28.17 1.99 7.07
C ALA B 281 28.42 1.25 8.40
N LYS B 282 28.06 1.89 9.50
CA LYS B 282 28.30 1.32 10.83
C LYS B 282 27.09 0.62 11.43
N HIS B 283 25.95 0.65 10.72
CA HIS B 283 24.70 0.08 11.23
C HIS B 283 24.00 -0.86 10.24
N GLY B 284 24.76 -1.72 9.61
CA GLY B 284 24.18 -2.83 8.87
C GLY B 284 24.10 -2.67 7.36
N ASN B 285 24.76 -1.66 6.85
N ASN B 285 24.71 -1.63 6.82
CA ASN B 285 24.85 -1.48 5.41
CA ASN B 285 24.77 -1.46 5.37
C ASN B 285 26.28 -1.54 4.95
C ASN B 285 26.21 -1.45 4.87
N GLU B 286 26.50 -2.29 3.89
CA GLU B 286 27.77 -2.29 3.20
C GLU B 286 27.63 -1.34 2.04
N ILE B 287 28.45 -0.29 2.02
CA ILE B 287 28.36 0.69 0.96
C ILE B 287 29.40 0.38 -0.09
N ILE B 288 28.94 0.28 -1.33
CA ILE B 288 29.79 -0.09 -2.45
C ILE B 288 29.89 1.11 -3.36
N VAL B 289 31.11 1.55 -3.64
CA VAL B 289 31.31 2.62 -4.59
C VAL B 289 31.56 1.95 -5.93
N PRO B 290 30.74 2.29 -6.94
CA PRO B 290 30.81 1.52 -8.20
C PRO B 290 32.18 1.65 -8.85
N SER B 291 32.65 0.56 -9.43
CA SER B 291 33.91 0.59 -10.16
C SER B 291 33.77 1.53 -11.36
N GLU B 292 34.90 1.87 -11.96
CA GLU B 292 34.87 2.70 -13.15
C GLU B 292 34.01 2.06 -14.20
N ALA B 293 34.16 0.75 -14.36
CA ALA B 293 33.42 0.02 -15.38
C ALA B 293 31.91 0.09 -15.15
N PHE B 294 31.49 -0.16 -13.92
CA PHE B 294 30.07 -0.15 -13.55
C PHE B 294 29.52 1.26 -13.74
N LYS B 295 30.23 2.26 -13.24
CA LYS B 295 29.79 3.64 -13.41
C LYS B 295 29.60 3.96 -14.90
N ASN B 296 30.57 3.59 -15.71
CA ASN B 296 30.48 3.91 -17.14
C ASN B 296 29.35 3.14 -17.83
N ASP B 297 29.12 1.89 -17.44
CA ASP B 297 28.00 1.14 -18.01
C ASP B 297 26.64 1.80 -17.67
N MSE B 298 26.51 2.30 -16.44
CA MSE B 298 25.27 2.98 -16.04
C MSE B 298 25.10 4.29 -16.80
O MSE B 298 24.03 4.58 -17.30
CB MSE B 298 25.26 3.25 -14.54
CG MSE B 298 25.05 2.02 -13.70
SE MSE B 298 24.72 2.38 -11.81
CE MSE B 298 26.51 2.29 -11.15
H MSE B 298 27.12 2.27 -15.83
HA MSE B 298 24.52 2.40 -16.24
HB2 MSE B 298 26.11 3.66 -14.28
HB3 MSE B 298 24.53 3.87 -14.33
HG2 MSE B 298 24.29 1.54 -14.06
HG3 MSE B 298 25.86 1.47 -13.76
HE1 MSE B 298 26.50 2.46 -10.20
HE2 MSE B 298 26.87 1.41 -11.33
HE3 MSE B 298 27.05 2.96 -11.59
N VAL B 299 26.17 5.06 -16.92
CA VAL B 299 26.12 6.33 -17.66
C VAL B 299 25.77 6.08 -19.11
N ASN B 300 26.43 5.12 -19.71
CA ASN B 300 26.16 4.78 -21.09
C ASN B 300 24.72 4.30 -21.28
N ALA B 301 24.23 3.49 -20.35
CA ALA B 301 22.88 2.95 -20.45
C ALA B 301 21.87 4.10 -20.35
N SER B 302 22.24 5.15 -19.65
CA SER B 302 21.29 6.23 -19.44
C SER B 302 21.14 7.10 -20.71
N LYS B 303 22.02 6.92 -21.67
CA LYS B 303 21.94 7.68 -22.93
C LYS B 303 20.64 7.37 -23.69
N VAL B 304 20.07 6.18 -23.53
CA VAL B 304 18.81 5.88 -24.23
C VAL B 304 17.66 6.72 -23.68
N LEU B 305 17.70 7.07 -22.39
CA LEU B 305 16.70 7.95 -21.83
C LEU B 305 16.76 9.30 -22.50
N TYR B 306 17.96 9.83 -22.65
CA TYR B 306 18.07 11.13 -23.27
C TYR B 306 17.65 11.09 -24.74
N ASP B 307 18.05 10.04 -25.46
CA ASP B 307 17.60 9.85 -26.83
C ASP B 307 16.08 9.93 -26.89
N SER B 308 15.44 9.24 -25.96
CA SER B 308 13.99 9.25 -25.89
C SER B 308 13.42 10.66 -25.61
N PHE B 309 13.99 11.35 -24.63
CA PHE B 309 13.58 12.73 -24.33
C PHE B 309 13.62 13.60 -25.59
N TYR B 310 14.73 13.51 -26.33
CA TYR B 310 14.95 14.41 -27.45
C TYR B 310 14.02 14.09 -28.62
N LYS B 311 13.48 12.88 -28.66
CA LYS B 311 12.57 12.49 -29.73
C LYS B 311 11.14 12.91 -29.42
N LYS B 312 10.81 13.01 -28.15
CA LYS B 312 9.43 13.32 -27.80
C LYS B 312 9.21 14.74 -27.29
N TYR B 313 10.25 15.36 -26.72
CA TYR B 313 10.14 16.72 -26.20
C TYR B 313 10.90 17.71 -27.06
N ASP B 314 10.18 18.63 -27.70
CA ASP B 314 10.79 19.61 -28.58
C ASP B 314 11.64 20.62 -27.82
N TRP B 315 11.42 20.71 -26.51
CA TRP B 315 12.13 21.65 -25.66
C TRP B 315 13.34 21.03 -24.97
N ALA B 316 13.51 19.71 -25.08
CA ALA B 316 14.49 18.99 -24.25
C ALA B 316 15.93 19.37 -24.58
N LYS B 317 16.28 19.36 -25.86
CA LYS B 317 17.63 19.69 -26.27
C LYS B 317 18.00 21.09 -25.76
N ASP B 318 17.10 22.05 -25.94
CA ASP B 318 17.38 23.42 -25.53
C ASP B 318 17.50 23.60 -24.02
N VAL B 319 16.65 22.91 -23.27
CA VAL B 319 16.69 23.09 -21.82
C VAL B 319 17.95 22.49 -21.24
N VAL B 320 18.36 21.33 -21.75
CA VAL B 320 19.60 20.71 -21.30
C VAL B 320 20.78 21.60 -21.64
N GLN B 321 20.74 22.22 -22.82
CA GLN B 321 21.79 23.18 -23.17
C GLN B 321 21.82 24.34 -22.16
N LYS B 322 20.66 24.88 -21.82
CA LYS B 322 20.60 25.96 -20.85
C LYS B 322 21.13 25.50 -19.49
N ILE B 323 20.79 24.28 -19.10
CA ILE B 323 21.30 23.74 -17.87
C ILE B 323 22.82 23.65 -17.89
N ASN B 324 23.38 23.20 -19.00
CA ASN B 324 24.85 23.10 -19.10
C ASN B 324 25.52 24.45 -19.09
N GLU B 325 24.85 25.45 -19.66
CA GLU B 325 25.33 26.84 -19.61
C GLU B 325 25.25 27.47 -18.21
N ALA B 326 24.42 26.90 -17.33
CA ALA B 326 24.28 27.40 -15.96
C ALA B 326 25.33 26.83 -15.00
N LYS B 327 26.01 25.79 -15.43
CA LYS B 327 27.04 25.15 -14.62
C LYS B 327 28.28 26.01 -14.53
N LYS C 24 -30.02 -2.09 -0.51
CA LYS C 24 -29.23 -2.87 0.44
C LYS C 24 -27.77 -2.48 0.39
N THR C 25 -27.18 -2.31 1.56
CA THR C 25 -25.76 -1.97 1.65
C THR C 25 -25.04 -3.08 2.36
N ILE C 26 -23.93 -3.54 1.77
CA ILE C 26 -23.09 -4.55 2.38
C ILE C 26 -21.87 -3.88 2.98
N ILE C 27 -21.66 -4.08 4.27
CA ILE C 27 -20.50 -3.54 4.96
C ILE C 27 -19.57 -4.71 5.27
N LYS C 28 -18.49 -4.84 4.53
CA LYS C 28 -17.55 -5.92 4.77
C LYS C 28 -16.57 -5.51 5.87
N LEU C 29 -16.47 -6.34 6.89
CA LEU C 29 -15.70 -6.01 8.09
C LEU C 29 -14.59 -7.03 8.30
N GLY C 30 -13.35 -6.56 8.22
CA GLY C 30 -12.19 -7.43 8.31
C GLY C 30 -11.39 -7.25 9.59
N HIS C 31 -10.85 -8.34 10.12
CA HIS C 31 -9.95 -8.24 11.26
C HIS C 31 -8.98 -9.43 11.27
N TYR C 32 -8.02 -9.38 12.18
CA TYR C 32 -6.94 -10.36 12.17
C TYR C 32 -7.04 -11.48 13.20
N ASN C 33 -7.97 -11.35 14.11
CA ASN C 33 -8.14 -12.38 15.14
C ASN C 33 -8.98 -13.55 14.63
N SER C 34 -9.00 -14.60 15.44
CA SER C 34 -9.73 -15.82 15.17
C SER C 34 -11.24 -15.61 15.26
N ASP C 35 -11.99 -16.51 14.64
CA ASP C 35 -13.46 -16.44 14.78
C ASP C 35 -13.95 -16.81 16.18
N ILE C 36 -13.05 -17.25 17.06
CA ILE C 36 -13.43 -17.51 18.46
C ILE C 36 -12.83 -16.50 19.44
N HIS C 37 -12.18 -15.48 18.89
CA HIS C 37 -11.76 -14.37 19.70
C HIS C 37 -12.99 -13.63 20.21
N PRO C 38 -12.95 -13.13 21.46
CA PRO C 38 -14.10 -12.34 21.92
C PRO C 38 -14.56 -11.19 21.00
N SER C 39 -13.65 -10.49 20.33
CA SER C 39 -14.06 -9.49 19.35
C SER C 39 -14.97 -10.06 18.26
N HIS C 40 -14.63 -11.22 17.73
CA HIS C 40 -15.46 -11.78 16.68
C HIS C 40 -16.83 -12.21 17.23
N ILE C 41 -16.81 -12.83 18.40
CA ILE C 41 -18.06 -13.30 19.01
C ILE C 41 -18.99 -12.10 19.28
N ALA C 42 -18.42 -11.03 19.86
CA ALA C 42 -19.22 -9.84 20.17
C ALA C 42 -19.65 -9.13 18.86
N LEU C 43 -18.81 -9.19 17.83
CA LEU C 43 -19.22 -8.61 16.56
C LEU C 43 -20.47 -9.34 16.06
N GLN C 44 -20.43 -10.67 16.14
CA GLN C 44 -21.51 -11.52 15.65
C GLN C 44 -22.80 -11.27 16.42
N GLU C 45 -22.70 -11.28 17.75
CA GLU C 45 -23.89 -11.28 18.58
C GLU C 45 -24.49 -9.91 18.84
N TYR C 46 -23.67 -8.86 18.80
CA TYR C 46 -24.12 -7.55 19.21
C TYR C 46 -24.02 -6.49 18.10
N PHE C 47 -22.89 -6.39 17.43
CA PHE C 47 -22.72 -5.35 16.42
C PHE C 47 -23.59 -5.66 15.18
N LYS C 48 -23.31 -6.81 14.58
CA LYS C 48 -24.03 -7.28 13.43
C LYS C 48 -25.52 -7.40 13.68
N LYS C 49 -25.90 -8.11 14.74
CA LYS C 49 -27.32 -8.33 15.01
C LYS C 49 -28.07 -7.02 15.25
N THR C 50 -27.49 -6.12 16.03
CA THR C 50 -28.18 -4.87 16.32
C THR C 50 -28.46 -4.07 15.03
N ILE C 51 -27.43 -3.93 14.21
CA ILE C 51 -27.55 -3.18 12.96
C ILE C 51 -28.55 -3.83 12.00
N GLU C 52 -28.39 -5.14 11.79
CA GLU C 52 -29.19 -5.83 10.78
C GLU C 52 -30.65 -5.84 11.19
N ASN C 53 -30.89 -6.01 12.49
CA ASN C 53 -32.27 -6.03 12.96
C ASN C 53 -32.92 -4.65 12.98
N GLU C 54 -32.19 -3.65 13.44
CA GLU C 54 -32.80 -2.34 13.68
C GLU C 54 -32.93 -1.51 12.42
N THR C 55 -32.13 -1.82 11.40
CA THR C 55 -32.29 -1.18 10.09
C THR C 55 -33.16 -2.05 9.19
N ASN C 56 -33.76 -3.09 9.77
CA ASN C 56 -34.61 -4.00 9.01
C ASN C 56 -33.88 -4.47 7.75
N HIS C 57 -32.62 -4.84 7.95
CA HIS C 57 -31.81 -5.49 6.93
C HIS C 57 -31.50 -4.62 5.72
N LYS C 58 -31.59 -3.31 5.91
CA LYS C 58 -31.06 -2.37 4.92
C LYS C 58 -29.54 -2.51 4.84
N TYR C 59 -28.92 -2.85 5.97
CA TYR C 59 -27.49 -3.15 6.01
C TYR C 59 -27.23 -4.60 6.37
N GLU C 60 -26.16 -5.16 5.79
CA GLU C 60 -25.64 -6.45 6.19
C GLU C 60 -24.22 -6.21 6.62
N ILE C 61 -23.87 -6.65 7.82
CA ILE C 61 -22.49 -6.56 8.28
C ILE C 61 -21.85 -7.93 8.11
N ARG C 62 -21.03 -8.06 7.06
CA ARG C 62 -20.41 -9.34 6.76
C ARG C 62 -19.01 -9.41 7.37
N LEU C 63 -18.78 -10.43 8.17
CA LEU C 63 -17.55 -10.51 8.97
C LEU C 63 -16.50 -11.41 8.34
N TYR C 64 -15.25 -10.95 8.39
CA TYR C 64 -14.13 -11.62 7.77
C TYR C 64 -12.97 -11.67 8.75
N PRO C 65 -12.91 -12.74 9.55
CA PRO C 65 -11.81 -12.88 10.51
C PRO C 65 -10.55 -13.40 9.86
N ASN C 66 -9.51 -13.58 10.67
N ASN C 66 -9.49 -13.58 10.66
CA ASN C 66 -8.31 -14.28 10.27
CA ASN C 66 -8.34 -14.32 10.23
C ASN C 66 -7.73 -13.77 8.95
C ASN C 66 -7.66 -13.77 8.97
N ASN C 67 -7.68 -12.45 8.82
CA ASN C 67 -7.03 -11.78 7.68
C ASN C 67 -7.60 -12.13 6.33
N GLN C 68 -8.87 -12.55 6.29
CA GLN C 68 -9.50 -12.88 5.01
C GLN C 68 -9.48 -11.75 4.00
N LEU C 69 -9.74 -10.52 4.47
CA LEU C 69 -9.75 -9.36 3.57
C LEU C 69 -8.39 -8.71 3.48
N GLY C 70 -7.40 -9.33 4.09
CA GLY C 70 -6.05 -8.79 4.14
C GLY C 70 -5.47 -8.76 5.54
N GLY C 71 -4.14 -8.73 5.61
CA GLY C 71 -3.44 -8.51 6.85
C GLY C 71 -3.77 -7.15 7.46
N GLU C 72 -3.31 -6.94 8.69
CA GLU C 72 -3.75 -5.77 9.46
C GLU C 72 -3.39 -4.47 8.75
N ASP C 73 -2.19 -4.43 8.15
CA ASP C 73 -1.78 -3.24 7.43
C ASP C 73 -2.64 -3.00 6.18
N GLN C 74 -3.09 -4.07 5.53
CA GLN C 74 -4.01 -3.95 4.39
C GLN C 74 -5.39 -3.47 4.84
N ILE C 75 -5.83 -3.87 6.02
CA ILE C 75 -7.11 -3.40 6.54
C ILE C 75 -7.03 -1.91 6.82
N VAL C 76 -5.95 -1.45 7.44
CA VAL C 76 -5.80 -0.04 7.69
C VAL C 76 -5.85 0.76 6.37
N ASN C 77 -5.04 0.34 5.41
CA ASN C 77 -4.98 1.01 4.12
C ASN C 77 -6.35 1.01 3.43
N GLY C 78 -7.07 -0.10 3.56
CA GLY C 78 -8.38 -0.23 2.95
C GLY C 78 -9.42 0.69 3.59
N LEU C 79 -9.37 0.82 4.92
CA LEU C 79 -10.23 1.77 5.61
C LEU C 79 -9.96 3.19 5.11
N ARG C 80 -8.69 3.52 4.96
CA ARG C 80 -8.33 4.87 4.58
C ARG C 80 -8.77 5.20 3.16
N ASN C 81 -8.64 4.24 2.23
CA ASN C 81 -8.98 4.54 0.85
C ASN C 81 -10.41 4.15 0.47
N GLY C 82 -11.15 3.56 1.41
CA GLY C 82 -12.54 3.22 1.15
C GLY C 82 -12.83 1.90 0.47
N THR C 83 -11.82 1.07 0.24
CA THR C 83 -12.05 -0.20 -0.44
C THR C 83 -12.42 -1.32 0.55
N ILE C 84 -12.24 -1.04 1.83
CA ILE C 84 -12.70 -1.94 2.91
C ILE C 84 -13.52 -1.08 3.86
N GLU C 85 -14.80 -1.43 4.05
CA GLU C 85 -15.73 -0.50 4.66
C GLU C 85 -15.60 -0.44 6.14
N ALA C 86 -15.16 -1.55 6.74
CA ALA C 86 -15.05 -1.63 8.18
C ALA C 86 -13.98 -2.63 8.61
N GLY C 87 -13.57 -2.54 9.87
CA GLY C 87 -12.62 -3.48 10.38
C GLY C 87 -12.28 -3.29 11.85
N ILE C 88 -11.53 -4.25 12.39
CA ILE C 88 -10.86 -4.07 13.65
C ILE C 88 -9.38 -4.19 13.41
N THR C 89 -8.64 -3.17 13.85
CA THR C 89 -7.18 -3.19 13.79
C THR C 89 -6.65 -2.65 15.09
N GLY C 90 -5.36 -2.80 15.29
CA GLY C 90 -4.68 -2.06 16.33
C GLY C 90 -4.20 -0.70 15.84
N LEU C 91 -3.08 -0.25 16.40
CA LEU C 91 -2.70 1.15 16.31
C LEU C 91 -1.63 1.45 15.27
N LEU C 92 -1.64 0.72 14.16
CA LEU C 92 -0.63 0.90 13.13
C LEU C 92 -0.63 2.29 12.51
N LEU C 93 -1.74 3.04 12.61
CA LEU C 93 -1.77 4.38 12.08
C LEU C 93 -0.77 5.31 12.77
N GLN C 94 -0.26 4.88 13.92
CA GLN C 94 0.74 5.68 14.60
C GLN C 94 2.00 5.86 13.76
N ASN C 95 2.24 4.97 12.78
CA ASN C 95 3.41 5.13 11.92
C ASN C 95 3.35 6.42 11.13
N VAL C 96 2.14 6.92 10.93
CA VAL C 96 1.95 8.18 10.25
C VAL C 96 1.90 9.34 11.23
N ASP C 97 0.99 9.23 12.21
CA ASP C 97 0.81 10.25 13.22
C ASP C 97 0.90 9.60 14.58
N PRO C 98 1.99 9.87 15.30
CA PRO C 98 2.32 9.14 16.53
C PRO C 98 1.25 9.26 17.62
N ILE C 99 0.38 10.26 17.56
CA ILE C 99 -0.58 10.41 18.67
C ILE C 99 -1.49 9.18 18.80
N PHE C 100 -1.74 8.48 17.69
CA PHE C 100 -2.64 7.32 17.72
C PHE C 100 -2.03 6.10 18.42
N GLY C 101 -0.72 6.11 18.61
CA GLY C 101 -0.03 5.03 19.26
C GLY C 101 0.08 5.15 20.77
N VAL C 102 -0.42 6.24 21.32
CA VAL C 102 -0.19 6.57 22.73
C VAL C 102 -0.73 5.47 23.64
N TRP C 103 -1.81 4.80 23.23
CA TRP C 103 -2.43 3.81 24.13
C TRP C 103 -1.52 2.63 24.39
N GLU C 104 -0.60 2.37 23.45
CA GLU C 104 0.35 1.29 23.54
C GLU C 104 1.71 1.70 24.13
N TRP C 105 1.81 2.92 24.65
CA TRP C 105 3.05 3.30 25.32
C TRP C 105 3.25 2.42 26.56
N PRO C 106 4.49 1.99 26.82
CA PRO C 106 4.65 0.97 27.86
C PRO C 106 4.24 1.44 29.26
N TYR C 107 3.55 0.57 29.96
CA TYR C 107 3.20 0.78 31.38
C TYR C 107 2.29 1.99 31.60
N LEU C 108 1.49 2.31 30.59
CA LEU C 108 0.56 3.43 30.67
C LEU C 108 -0.63 3.08 31.55
N PHE C 109 -1.06 1.82 31.47
CA PHE C 109 -2.22 1.31 32.22
C PHE C 109 -1.79 0.22 33.20
N LYS C 110 -2.32 0.24 34.42
CA LYS C 110 -1.89 -0.72 35.43
C LYS C 110 -2.62 -2.06 35.31
N ASP C 111 -3.83 -2.03 34.76
CA ASP C 111 -4.62 -3.24 34.63
C ASP C 111 -5.73 -3.04 33.60
N ASN C 112 -6.47 -4.10 33.33
CA ASN C 112 -7.50 -4.03 32.29
C ASN C 112 -8.55 -2.97 32.62
N GLN C 113 -9.00 -2.94 33.89
N GLN C 113 -9.02 -2.94 33.87
CA GLN C 113 -10.02 -1.99 34.30
CA GLN C 113 -10.06 -1.96 34.22
C GLN C 113 -9.59 -0.53 34.11
C GLN C 113 -9.58 -0.52 34.01
N GLU C 114 -8.31 -0.25 34.31
CA GLU C 114 -7.81 1.12 34.13
C GLU C 114 -7.71 1.46 32.64
N ALA C 115 -7.29 0.51 31.81
CA ALA C 115 -7.24 0.72 30.37
C ALA C 115 -8.62 1.06 29.85
N LYS C 116 -9.61 0.29 30.29
CA LYS C 116 -11.00 0.54 29.88
C LYS C 116 -11.46 1.93 30.32
N LYS C 117 -11.22 2.26 31.59
CA LYS C 117 -11.62 3.54 32.11
C LYS C 117 -11.05 4.71 31.29
N VAL C 118 -9.77 4.64 30.95
CA VAL C 118 -9.14 5.71 30.21
C VAL C 118 -9.66 5.73 28.76
N LEU C 119 -9.84 4.55 28.17
CA LEU C 119 -10.28 4.46 26.79
C LEU C 119 -11.73 4.91 26.65
N GLU C 120 -12.46 4.99 27.76
CA GLU C 120 -13.80 5.55 27.77
C GLU C 120 -13.86 7.04 28.19
N SER C 121 -12.70 7.67 28.36
CA SER C 121 -12.66 9.05 28.83
C SER C 121 -12.67 10.06 27.67
N PRO C 122 -12.97 11.33 27.96
CA PRO C 122 -12.94 12.33 26.88
C PRO C 122 -11.63 12.40 26.09
N ILE C 123 -10.47 12.30 26.72
CA ILE C 123 -9.21 12.43 25.96
C ILE C 123 -9.13 11.32 24.90
N ALA C 124 -9.61 10.13 25.24
CA ALA C 124 -9.59 9.02 24.28
C ALA C 124 -10.56 9.30 23.13
N ASN C 125 -11.71 9.90 23.45
N ASN C 125 -11.70 9.90 23.45
CA ASN C 125 -12.69 10.24 22.44
CA ASN C 125 -12.68 10.22 22.41
C ASN C 125 -12.11 11.29 21.50
C ASN C 125 -12.16 11.32 21.50
N LYS C 126 -11.45 12.29 22.09
CA LYS C 126 -10.89 13.39 21.32
C LYS C 126 -9.82 12.90 20.36
N ILE C 127 -8.91 12.07 20.84
CA ILE C 127 -7.87 11.53 19.97
C ILE C 127 -8.51 10.63 18.92
N GLY C 128 -9.50 9.83 19.30
CA GLY C 128 -10.17 8.99 18.33
C GLY C 128 -10.77 9.78 17.18
N GLN C 129 -11.34 10.93 17.50
CA GLN C 129 -11.95 11.79 16.47
C GLN C 129 -10.93 12.30 15.46
N LYS C 130 -9.68 12.45 15.90
CA LYS C 130 -8.61 12.88 14.99
C LYS C 130 -8.35 11.87 13.84
N MSE C 131 -8.79 10.62 14.01
CA MSE C 131 -8.59 9.65 12.94
C MSE C 131 -9.36 10.05 11.68
O MSE C 131 -9.04 9.60 10.59
CB MSE C 131 -8.99 8.26 13.42
CG MSE C 131 -8.02 7.74 14.43
SE MSE C 131 -8.55 5.95 15.08
CE MSE C 131 -8.18 5.11 13.58
H MSE C 131 -9.20 10.32 14.70
HA MSE C 131 -7.64 9.62 12.72
HB2 MSE C 131 -9.87 8.30 13.83
HB3 MSE C 131 -9.00 7.65 12.66
HG2 MSE C 131 -7.14 7.67 14.03
HG3 MSE C 131 -8.00 8.34 15.19
HE1 MSE C 131 -8.39 4.18 13.70
HE2 MSE C 131 -8.73 5.48 12.88
HE3 MSE C 131 -7.25 5.23 13.38
N GLU C 132 -10.38 10.90 11.81
CA GLU C 132 -11.11 11.35 10.63
C GLU C 132 -10.21 12.14 9.67
N LYS C 133 -9.16 12.77 10.20
CA LYS C 133 -8.22 13.48 9.34
C LYS C 133 -7.37 12.51 8.49
N TYR C 134 -7.52 11.22 8.78
CA TYR C 134 -6.77 10.17 8.10
C TYR C 134 -7.74 9.20 7.41
N GLY C 135 -9.00 9.60 7.30
CA GLY C 135 -9.99 8.80 6.57
C GLY C 135 -10.66 7.67 7.30
N ILE C 136 -10.63 7.71 8.62
CA ILE C 136 -11.23 6.65 9.46
C ILE C 136 -12.16 7.22 10.53
N LYS C 137 -13.31 6.56 10.69
CA LYS C 137 -14.24 6.86 11.77
C LYS C 137 -14.09 5.77 12.81
N LEU C 138 -13.70 6.15 14.01
CA LEU C 138 -13.62 5.22 15.12
C LEU C 138 -14.96 5.08 15.81
N LEU C 139 -15.48 3.86 15.88
CA LEU C 139 -16.73 3.61 16.60
C LEU C 139 -16.55 3.12 18.04
N ALA C 140 -15.47 2.37 18.32
CA ALA C 140 -15.28 1.80 19.65
C ALA C 140 -13.83 1.42 19.93
N TYR C 141 -13.42 1.55 21.19
CA TYR C 141 -12.16 0.97 21.68
C TYR C 141 -12.49 -0.33 22.40
N GLY C 142 -12.11 -1.46 21.80
CA GLY C 142 -12.23 -2.75 22.44
C GLY C 142 -10.87 -3.22 22.95
N MSE C 143 -10.86 -4.39 23.55
CA MSE C 143 -9.67 -4.93 24.19
C MSE C 143 -9.09 -6.11 23.41
O MSE C 143 -9.81 -7.07 23.12
CB MSE C 143 -10.02 -5.40 25.61
CG MSE C 143 -8.97 -6.29 26.24
SE MSE C 143 -9.43 -6.70 28.07
CE MSE C 143 -8.41 -8.30 28.22
H MSE C 143 -11.54 -4.91 23.61
HA MSE C 143 -8.99 -4.22 24.26
HB2 MSE C 143 -10.13 -4.62 26.18
HB3 MSE C 143 -10.85 -5.90 25.57
HG2 MSE C 143 -8.92 -7.13 25.74
HG3 MSE C 143 -8.12 -5.84 26.23
HE1 MSE C 143 -8.52 -8.66 29.11
HE2 MSE C 143 -8.72 -8.93 27.57
HE3 MSE C 143 -7.49 -8.10 28.06
N ASN C 144 -7.80 -6.01 23.08
CA ASN C 144 -7.01 -7.20 22.72
C ASN C 144 -6.22 -7.67 23.95
N GLY C 145 -5.64 -6.71 24.69
CA GLY C 145 -5.13 -7.00 26.02
C GLY C 145 -3.67 -6.62 26.20
N PHE C 146 -3.18 -6.81 27.43
CA PHE C 146 -1.76 -6.63 27.72
C PHE C 146 -0.94 -7.67 26.96
N ARG C 147 0.22 -7.22 26.46
CA ARG C 147 1.07 -8.10 25.68
C ARG C 147 2.10 -8.80 26.58
N VAL C 148 2.32 -10.07 26.30
CA VAL C 148 3.32 -10.87 26.98
C VAL C 148 4.31 -11.42 25.95
N ILE C 149 5.49 -11.79 26.43
CA ILE C 149 6.55 -12.24 25.52
C ILE C 149 6.56 -13.76 25.46
N SER C 150 6.46 -14.32 24.25
CA SER C 150 6.65 -15.76 24.08
C SER C 150 8.04 -15.96 23.53
N SER C 151 8.66 -17.08 23.87
CA SER C 151 10.06 -17.27 23.57
C SER C 151 10.50 -18.72 23.67
N ASN C 152 11.47 -19.09 22.84
CA ASN C 152 12.11 -20.39 22.93
C ASN C 152 13.12 -20.42 24.07
N LYS C 153 13.53 -19.23 24.52
CA LYS C 153 14.54 -19.07 25.56
C LYS C 153 13.92 -18.56 26.85
N LYS C 154 14.40 -19.06 27.98
CA LYS C 154 13.91 -18.59 29.26
C LYS C 154 14.33 -17.13 29.45
N LEU C 155 13.41 -16.30 29.92
CA LEU C 155 13.74 -14.92 30.21
C LEU C 155 13.26 -14.61 31.63
N GLU C 156 14.20 -14.39 32.54
CA GLU C 156 13.86 -14.18 33.96
C GLU C 156 14.53 -12.94 34.58
N LYS C 157 15.38 -12.28 33.82
CA LYS C 157 16.03 -11.07 34.29
C LYS C 157 16.42 -10.24 33.10
N PHE C 158 16.67 -8.96 33.33
CA PHE C 158 16.88 -8.00 32.25
C PHE C 158 18.03 -8.41 31.35
N ASP C 159 19.08 -8.97 31.94
CA ASP C 159 20.26 -9.36 31.17
C ASP C 159 19.94 -10.43 30.14
N ASP C 160 18.85 -11.17 30.33
CA ASP C 160 18.47 -12.22 29.39
C ASP C 160 18.01 -11.64 28.05
N PHE C 161 17.74 -10.34 28.00
CA PHE C 161 17.33 -9.69 26.77
C PHE C 161 18.46 -9.51 25.77
N LYS C 162 19.69 -9.44 26.26
CA LYS C 162 20.83 -9.23 25.40
C LYS C 162 20.94 -10.37 24.37
N GLY C 163 20.95 -9.99 23.10
CA GLY C 163 21.07 -10.93 22.02
C GLY C 163 19.75 -11.56 21.61
N LEU C 164 18.68 -11.29 22.36
CA LEU C 164 17.36 -11.84 22.02
C LEU C 164 16.85 -11.27 20.70
N ARG C 165 16.34 -12.13 19.83
CA ARG C 165 15.80 -11.73 18.54
C ARG C 165 14.28 -11.90 18.60
N LEU C 166 13.58 -10.77 18.70
CA LEU C 166 12.14 -10.80 18.85
C LEU C 166 11.50 -10.18 17.65
N ARG C 167 10.49 -10.86 17.10
CA ARG C 167 9.61 -10.24 16.14
C ARG C 167 8.81 -9.14 16.86
N VAL C 168 8.66 -8.00 16.20
CA VAL C 168 7.73 -6.97 16.64
C VAL C 168 6.77 -6.62 15.51
N PRO C 169 5.64 -6.01 15.87
CA PRO C 169 4.67 -5.65 14.84
C PRO C 169 5.22 -4.57 13.91
N LEU C 170 4.48 -4.32 12.84
CA LEU C 170 4.85 -3.33 11.81
C LEU C 170 4.55 -1.90 12.29
N ASN C 171 5.20 -1.51 13.38
CA ASN C 171 4.92 -0.29 14.13
C ASN C 171 6.20 0.17 14.78
N SER C 172 6.69 1.34 14.39
CA SER C 172 7.97 1.81 14.87
C SER C 172 8.06 1.98 16.39
N LEU C 173 6.92 2.19 17.06
CA LEU C 173 6.90 2.25 18.52
C LEU C 173 7.47 0.96 19.14
N PHE C 174 7.16 -0.19 18.53
CA PHE C 174 7.60 -1.46 19.09
C PHE C 174 9.05 -1.71 18.83
N VAL C 175 9.56 -1.16 17.73
CA VAL C 175 10.99 -1.17 17.50
C VAL C 175 11.67 -0.38 18.60
N ASP C 176 11.13 0.80 18.93
CA ASP C 176 11.71 1.64 19.97
C ASP C 176 11.64 0.95 21.34
N TRP C 177 10.50 0.33 21.63
CA TRP C 177 10.36 -0.41 22.90
C TRP C 177 11.43 -1.52 22.98
N ALA C 178 11.55 -2.32 21.93
CA ALA C 178 12.48 -3.45 21.97
C ALA C 178 13.89 -2.95 22.22
N LYS C 179 14.29 -1.90 21.49
CA LYS C 179 15.64 -1.38 21.61
C LYS C 179 15.88 -0.83 23.03
N ALA C 180 14.84 -0.28 23.64
CA ALA C 180 14.97 0.19 25.01
C ALA C 180 15.16 -0.97 26.02
N MSE C 181 14.69 -2.18 25.67
CA MSE C 181 14.90 -3.36 26.50
C MSE C 181 16.21 -4.07 26.15
O MSE C 181 16.49 -5.14 26.67
CB MSE C 181 13.74 -4.35 26.35
CG MSE C 181 12.39 -3.76 26.63
SE MSE C 181 12.23 -3.20 28.47
CE MSE C 181 12.01 -1.31 28.18
H MSE C 181 14.24 -2.32 24.96
HA MSE C 181 14.94 -3.08 27.45
HB2 MSE C 181 13.74 -4.68 25.44
HB3 MSE C 181 13.87 -5.09 26.97
HG2 MSE C 181 12.26 -2.98 26.06
HG3 MSE C 181 11.70 -4.42 26.45
HE1 MSE C 181 11.91 -0.88 29.04
HE2 MSE C 181 12.78 -0.97 27.73
HE3 MSE C 181 11.22 -1.16 27.65
N ASN C 182 16.98 -3.49 25.24
CA ASN C 182 18.21 -4.13 24.74
C ASN C 182 17.92 -5.43 23.96
N ILE C 183 16.72 -5.50 23.38
CA ILE C 183 16.32 -6.60 22.54
C ILE C 183 16.65 -6.23 21.09
N ASN C 184 16.89 -7.22 20.22
CA ASN C 184 17.11 -6.97 18.79
C ASN C 184 15.81 -7.23 18.03
N PRO C 185 15.09 -6.18 17.67
CA PRO C 185 13.80 -6.41 17.04
C PRO C 185 13.90 -6.71 15.55
N GLN C 186 12.96 -7.53 15.07
CA GLN C 186 12.68 -7.69 13.64
C GLN C 186 11.20 -7.39 13.39
N SER C 187 10.93 -6.30 12.69
N SER C 187 10.97 -6.29 12.69
CA SER C 187 9.55 -5.92 12.43
CA SER C 187 9.64 -5.92 12.26
C SER C 187 9.02 -6.77 11.27
C SER C 187 9.13 -6.98 11.31
N MSE C 188 7.93 -7.49 11.54
CA MSE C 188 7.34 -8.43 10.58
C MSE C 188 5.82 -8.43 10.67
O MSE C 188 5.29 -8.26 11.76
CB MSE C 188 7.78 -9.85 10.89
CG MSE C 188 9.26 -10.11 11.08
SE MSE C 188 9.53 -12.01 11.52
CE MSE C 188 11.41 -12.17 11.03
H MSE C 188 7.51 -7.46 12.28
H MSE C 188 7.43 -7.33 12.22
HA MSE C 188 7.62 -8.20 9.67
HB2 MSE C 188 7.34 -10.12 11.72
HB3 MSE C 188 7.48 -10.43 10.17
HG2 MSE C 188 9.73 -9.91 10.25
HG3 MSE C 188 9.60 -9.56 11.81
HE1 MSE C 188 11.70 -13.07 11.19
HE2 MSE C 188 11.50 -11.96 10.10
HE3 MSE C 188 11.92 -11.56 11.56
N PRO C 189 5.13 -8.72 9.57
CA PRO C 189 3.70 -9.02 9.72
C PRO C 189 3.53 -10.27 10.59
N LEU C 190 2.39 -10.31 11.30
CA LEU C 190 2.12 -11.43 12.19
C LEU C 190 2.19 -12.76 11.45
N SER C 191 1.79 -12.76 10.18
CA SER C 191 1.75 -13.98 9.38
C SER C 191 3.12 -14.63 9.20
N GLU C 192 4.20 -13.84 9.36
CA GLU C 192 5.54 -14.37 9.16
C GLU C 192 6.08 -15.14 10.38
N VAL C 193 5.45 -15.01 11.52
CA VAL C 193 6.09 -15.49 12.75
C VAL C 193 6.35 -16.98 12.77
N PHE C 194 5.40 -17.80 12.35
CA PHE C 194 5.62 -19.24 12.34
C PHE C 194 6.85 -19.66 11.54
N THR C 195 6.98 -19.18 10.30
CA THR C 195 8.13 -19.58 9.51
C THR C 195 9.44 -18.99 10.04
N ALA C 196 9.39 -17.79 10.60
CA ALA C 196 10.57 -17.15 11.17
C ALA C 196 11.08 -18.00 12.35
N LEU C 197 10.16 -18.52 13.15
CA LEU C 197 10.53 -19.42 14.25
C LEU C 197 11.11 -20.73 13.70
N GLU C 198 10.42 -21.30 12.71
CA GLU C 198 10.83 -22.55 12.10
C GLU C 198 12.23 -22.45 11.49
N GLN C 199 12.53 -21.30 10.88
CA GLN C 199 13.85 -21.07 10.31
C GLN C 199 14.89 -20.56 11.31
N LYS C 200 14.49 -20.43 12.57
CA LYS C 200 15.41 -20.03 13.63
C LYS C 200 16.05 -18.68 13.37
N VAL C 201 15.25 -17.79 12.78
CA VAL C 201 15.63 -16.40 12.52
C VAL C 201 15.21 -15.46 13.66
N ILE C 202 14.23 -15.88 14.45
CA ILE C 202 13.83 -15.19 15.68
C ILE C 202 13.67 -16.19 16.80
N ASP C 203 13.70 -15.69 18.03
CA ASP C 203 13.52 -16.51 19.23
C ASP C 203 12.12 -16.47 19.76
N GLY C 204 11.37 -15.43 19.37
CA GLY C 204 10.06 -15.21 19.98
C GLY C 204 9.34 -14.00 19.42
N GLN C 205 8.23 -13.69 20.07
CA GLN C 205 7.38 -12.57 19.67
C GLN C 205 6.66 -12.08 20.92
N GLU C 206 5.73 -11.15 20.76
CA GLU C 206 4.97 -10.66 21.91
C GLU C 206 3.58 -10.24 21.44
N ASN C 207 2.60 -10.53 22.28
CA ASN C 207 1.20 -10.35 21.94
C ASN C 207 0.36 -10.72 23.16
N PRO C 208 -0.93 -10.39 23.13
CA PRO C 208 -1.73 -10.76 24.32
C PRO C 208 -1.93 -12.26 24.40
N TYR C 209 -2.26 -12.72 25.60
CA TYR C 209 -2.48 -14.11 25.86
C TYR C 209 -3.46 -14.75 24.87
N MSE C 210 -4.60 -14.11 24.62
CA MSE C 210 -5.59 -14.73 23.79
C MSE C 210 -5.08 -14.99 22.37
O MSE C 210 -5.37 -16.04 21.80
CB MSE C 210 -6.88 -13.94 23.78
CG MSE C 210 -7.64 -14.03 25.11
SE MSE C 210 -9.37 -13.19 25.02
CE MSE C 210 -8.82 -11.32 24.95
H MSE C 210 -4.81 -13.32 24.92
HA MSE C 210 -5.81 -15.61 24.20
HB2 MSE C 210 -6.67 -13.00 23.62
HB3 MSE C 210 -7.47 -14.27 23.09
HG2 MSE C 210 -7.77 -14.96 25.35
HG3 MSE C 210 -7.12 -13.59 25.81
HE1 MSE C 210 -9.60 -10.77 24.90
HE2 MSE C 210 -8.33 -11.11 25.74
HE3 MSE C 210 -8.27 -11.19 24.18
N LEU C 211 -4.31 -14.06 21.82
CA LEU C 211 -3.73 -14.25 20.49
C LEU C 211 -2.73 -15.40 20.50
N ILE C 212 -1.96 -15.51 21.56
CA ILE C 212 -0.97 -16.59 21.67
C ILE C 212 -1.68 -17.95 21.62
N LYS C 213 -2.82 -18.09 22.31
CA LYS C 213 -3.56 -19.35 22.23
C LYS C 213 -4.26 -19.51 20.87
N ASP C 214 -5.02 -18.49 20.46
CA ASP C 214 -5.88 -18.58 19.29
C ASP C 214 -5.07 -18.93 18.04
N SER C 215 -3.87 -18.38 17.97
CA SER C 215 -3.05 -18.49 16.77
C SER C 215 -2.29 -19.81 16.70
N GLY C 216 -2.22 -20.50 17.83
CA GLY C 216 -1.41 -21.70 17.94
C GLY C 216 0.05 -21.41 18.20
N LEU C 217 0.42 -20.16 18.41
CA LEU C 217 1.81 -19.85 18.68
C LEU C 217 2.30 -20.53 19.97
N TYR C 218 1.41 -20.80 20.94
CA TYR C 218 1.83 -21.45 22.17
C TYR C 218 2.49 -22.81 21.90
N GLU C 219 2.10 -23.45 20.80
CA GLU C 219 2.60 -24.77 20.47
C GLU C 219 4.07 -24.78 20.05
N VAL C 220 4.60 -23.62 19.65
CA VAL C 220 5.99 -23.51 19.19
C VAL C 220 6.79 -22.51 20.00
N GLN C 221 6.31 -22.23 21.21
CA GLN C 221 6.98 -21.30 22.11
C GLN C 221 6.93 -21.88 23.52
N LYS C 222 8.07 -22.33 24.05
CA LYS C 222 8.07 -23.01 25.36
C LYS C 222 7.70 -22.07 26.49
N TYR C 223 8.29 -20.89 26.50
CA TYR C 223 8.11 -19.94 27.59
C TYR C 223 7.19 -18.80 27.22
N ILE C 224 6.39 -18.41 28.20
CA ILE C 224 5.58 -17.21 28.10
C ILE C 224 5.94 -16.38 29.32
N ILE C 225 6.49 -15.20 29.07
CA ILE C 225 6.90 -14.31 30.16
C ILE C 225 5.89 -13.17 30.35
N GLN C 226 5.32 -13.07 31.54
CA GLN C 226 4.18 -12.19 31.79
C GLN C 226 4.65 -10.77 32.03
N SER C 227 5.26 -10.17 31.02
CA SER C 227 5.76 -8.82 31.09
C SER C 227 4.63 -7.82 31.17
N ASN C 228 3.56 -8.05 30.41
CA ASN C 228 2.46 -7.07 30.35
C ASN C 228 2.99 -5.65 30.08
N HIS C 229 3.89 -5.54 29.12
CA HIS C 229 4.64 -4.29 28.91
C HIS C 229 3.84 -3.19 28.22
N ILE C 230 2.87 -3.59 27.39
CA ILE C 230 2.08 -2.71 26.54
C ILE C 230 0.64 -3.22 26.52
N PHE C 231 -0.33 -2.32 26.59
CA PHE C 231 -1.74 -2.71 26.38
C PHE C 231 -2.17 -2.45 24.95
N SER C 232 -2.76 -3.48 24.32
CA SER C 232 -3.26 -3.35 22.95
C SER C 232 -4.77 -3.26 22.85
N PRO C 233 -5.28 -2.09 22.48
CA PRO C 233 -6.70 -2.01 22.14
C PRO C 233 -7.00 -2.50 20.72
N GLY C 234 -8.21 -3.00 20.51
CA GLY C 234 -8.71 -3.32 19.18
C GLY C 234 -9.74 -2.26 18.78
N LEU C 235 -9.39 -1.45 17.79
CA LEU C 235 -10.27 -0.36 17.31
C LEU C 235 -11.31 -0.83 16.30
N LEU C 236 -12.58 -0.67 16.63
CA LEU C 236 -13.66 -0.93 15.69
C LEU C 236 -13.90 0.31 14.87
N GLN C 237 -13.67 0.20 13.56
CA GLN C 237 -13.60 1.34 12.66
C GLN C 237 -14.47 1.16 11.42
N ILE C 238 -14.98 2.28 10.92
CA ILE C 238 -15.59 2.35 9.60
C ILE C 238 -14.75 3.30 8.74
N SER C 239 -14.54 2.94 7.48
CA SER C 239 -13.95 3.88 6.55
C SER C 239 -14.73 5.18 6.55
N LEU C 240 -14.05 6.33 6.58
CA LEU C 240 -14.78 7.60 6.62
C LEU C 240 -15.55 7.81 5.31
N LYS C 241 -14.97 7.34 4.20
CA LYS C 241 -15.67 7.44 2.94
C LYS C 241 -17.00 6.71 3.01
N THR C 242 -16.99 5.53 3.61
CA THR C 242 -18.22 4.75 3.83
C THR C 242 -19.18 5.40 4.82
N TRP C 243 -18.63 5.80 5.95
CA TRP C 243 -19.41 6.49 6.97
C TRP C 243 -20.16 7.71 6.40
N ASN C 244 -19.48 8.52 5.59
CA ASN C 244 -20.06 9.74 5.07
C ASN C 244 -21.08 9.49 3.95
N LYS C 245 -21.33 8.21 3.63
CA LYS C 245 -22.41 7.79 2.75
C LYS C 245 -23.59 7.21 3.54
N ILE C 246 -23.41 7.00 4.83
CA ILE C 246 -24.46 6.47 5.73
C ILE C 246 -25.17 7.65 6.42
N PRO C 247 -26.48 7.79 6.17
CA PRO C 247 -27.16 8.94 6.75
C PRO C 247 -27.21 8.85 8.27
N LYS C 248 -27.27 10.01 8.92
CA LYS C 248 -27.26 10.09 10.36
C LYS C 248 -28.29 9.17 11.01
N GLU C 249 -29.48 9.09 10.44
CA GLU C 249 -30.52 8.25 11.06
C GLU C 249 -30.07 6.77 11.16
N ASP C 250 -29.24 6.33 10.21
CA ASP C 250 -28.67 4.98 10.30
C ASP C 250 -27.40 4.95 11.16
N GLN C 251 -26.60 6.01 11.08
CA GLN C 251 -25.41 6.09 11.92
C GLN C 251 -25.73 5.90 13.39
N ILE C 252 -26.85 6.45 13.84
N ILE C 252 -26.84 6.43 13.87
CA ILE C 252 -27.25 6.34 15.24
CA ILE C 252 -27.12 6.31 15.29
C ILE C 252 -27.31 4.87 15.65
C ILE C 252 -27.36 4.86 15.69
N ILE C 253 -27.85 4.05 14.76
CA ILE C 253 -28.00 2.63 15.01
C ILE C 253 -26.61 1.95 15.05
N PHE C 254 -25.74 2.31 14.12
CA PHE C 254 -24.36 1.81 14.15
C PHE C 254 -23.70 2.17 15.49
N GLU C 255 -23.98 3.36 16.00
CA GLU C 255 -23.35 3.86 17.23
C GLU C 255 -23.90 3.10 18.43
N LYS C 256 -25.19 2.82 18.42
CA LYS C 256 -25.80 2.01 19.48
C LYS C 256 -25.20 0.60 19.49
N ALA C 257 -25.07 0.03 18.31
CA ALA C 257 -24.49 -1.30 18.13
C ALA C 257 -23.04 -1.32 18.61
N ALA C 258 -22.27 -0.27 18.30
CA ALA C 258 -20.89 -0.19 18.72
C ALA C 258 -20.76 -0.06 20.24
N LYS C 259 -21.68 0.68 20.86
CA LYS C 259 -21.64 0.88 22.31
C LYS C 259 -21.89 -0.47 23.01
N LEU C 260 -22.87 -1.23 22.50
CA LEU C 260 -23.19 -2.55 23.04
C LEU C 260 -22.03 -3.52 22.79
N TYR C 261 -21.49 -3.50 21.57
CA TYR C 261 -20.32 -4.31 21.26
C TYR C 261 -19.19 -4.03 22.26
N GLN C 262 -18.94 -2.76 22.55
CA GLN C 262 -17.83 -2.40 23.40
C GLN C 262 -18.04 -2.96 24.83
N GLU C 263 -19.23 -2.74 25.38
CA GLU C 263 -19.55 -3.25 26.71
C GLU C 263 -19.33 -4.76 26.74
N LYS C 264 -19.89 -5.46 25.76
CA LYS C 264 -19.88 -6.91 25.78
C LYS C 264 -18.51 -7.48 25.47
N GLU C 265 -17.77 -6.82 24.60
CA GLU C 265 -16.46 -7.33 24.24
C GLU C 265 -15.46 -7.18 25.39
N TRP C 266 -15.48 -6.06 26.11
CA TRP C 266 -14.59 -5.91 27.27
C TRP C 266 -14.95 -6.97 28.30
N GLU C 267 -16.24 -7.18 28.50
CA GLU C 267 -16.69 -8.14 29.48
C GLU C 267 -16.20 -9.55 29.08
N LEU C 268 -16.40 -9.91 27.81
CA LEU C 268 -16.02 -11.24 27.34
C LEU C 268 -14.51 -11.40 27.27
N ALA C 269 -13.81 -10.34 26.86
CA ALA C 269 -12.36 -10.39 26.80
C ALA C 269 -11.69 -10.63 28.14
N ILE C 270 -12.11 -9.88 29.17
CA ILE C 270 -11.55 -10.04 30.50
C ILE C 270 -11.83 -11.47 30.99
N LYS C 271 -13.06 -11.93 30.81
CA LYS C 271 -13.45 -13.24 31.29
C LYS C 271 -12.68 -14.35 30.54
N THR C 272 -12.61 -14.21 29.23
CA THR C 272 -12.01 -15.24 28.39
C THR C 272 -10.50 -15.28 28.59
N GLU C 273 -9.89 -14.12 28.80
CA GLU C 273 -8.45 -14.06 29.00
C GLU C 273 -8.04 -14.85 30.24
N LEU C 274 -8.82 -14.76 31.30
CA LEU C 274 -8.54 -15.55 32.50
C LEU C 274 -8.57 -17.05 32.17
N GLU C 275 -9.56 -17.46 31.37
CA GLU C 275 -9.65 -18.87 30.95
C GLU C 275 -8.40 -19.29 30.20
N VAL C 276 -7.97 -18.47 29.24
CA VAL C 276 -6.81 -18.78 28.42
C VAL C 276 -5.53 -18.89 29.25
N LYS C 277 -5.38 -18.00 30.22
CA LYS C 277 -4.22 -18.04 31.09
C LYS C 277 -4.18 -19.38 31.84
N ASP C 278 -5.34 -19.81 32.31
CA ASP C 278 -5.44 -21.09 33.01
C ASP C 278 -5.07 -22.22 32.06
N TYR C 279 -5.61 -22.16 30.85
CA TYR C 279 -5.36 -23.19 29.84
C TYR C 279 -3.86 -23.32 29.51
N LEU C 280 -3.20 -22.18 29.30
CA LEU C 280 -1.78 -22.21 28.98
C LEU C 280 -0.92 -22.57 30.19
N ALA C 281 -1.47 -22.40 31.38
CA ALA C 281 -0.74 -22.82 32.59
C ALA C 281 -0.63 -24.35 32.63
N LYS C 282 -1.60 -25.03 32.00
CA LYS C 282 -1.79 -26.46 32.18
C LYS C 282 -1.44 -27.32 30.97
N HIS C 283 -1.04 -26.70 29.86
CA HIS C 283 -0.85 -27.44 28.62
C HIS C 283 0.60 -27.50 28.13
N GLY C 284 1.54 -27.30 29.04
CA GLY C 284 2.94 -27.55 28.72
C GLY C 284 3.85 -26.33 28.63
N ASN C 285 3.28 -25.16 28.37
CA ASN C 285 4.08 -23.93 28.37
C ASN C 285 4.61 -23.65 29.77
N GLU C 286 5.75 -23.00 29.87
CA GLU C 286 6.25 -22.59 31.18
C GLU C 286 6.04 -21.09 31.33
N ILE C 287 5.21 -20.72 32.29
CA ILE C 287 4.82 -19.34 32.50
C ILE C 287 5.73 -18.70 33.52
N ILE C 288 6.38 -17.62 33.11
CA ILE C 288 7.27 -16.89 33.99
C ILE C 288 6.59 -15.59 34.44
N VAL C 289 6.41 -15.43 35.75
CA VAL C 289 5.93 -14.18 36.29
C VAL C 289 7.17 -13.38 36.67
N PRO C 290 7.37 -12.21 36.04
CA PRO C 290 8.63 -11.52 36.32
C PRO C 290 8.81 -11.21 37.81
N SER C 291 10.05 -11.26 38.26
CA SER C 291 10.39 -10.91 39.64
C SER C 291 10.23 -9.41 39.81
N GLU C 292 10.15 -8.96 41.06
CA GLU C 292 10.07 -7.53 41.31
C GLU C 292 11.25 -6.83 40.65
N ALA C 293 12.44 -7.44 40.72
CA ALA C 293 13.63 -6.82 40.14
C ALA C 293 13.52 -6.72 38.61
N PHE C 294 13.09 -7.81 37.99
CA PHE C 294 12.99 -7.88 36.53
C PHE C 294 11.94 -6.85 36.05
N LYS C 295 10.80 -6.80 36.74
CA LYS C 295 9.76 -5.80 36.46
C LYS C 295 10.29 -4.39 36.57
N ASN C 296 10.97 -4.09 37.66
CA ASN C 296 11.53 -2.74 37.88
C ASN C 296 12.52 -2.34 36.80
N ASP C 297 13.44 -3.24 36.45
CA ASP C 297 14.39 -2.98 35.37
C ASP C 297 13.69 -2.63 34.07
N MSE C 298 12.63 -3.37 33.73
CA MSE C 298 11.86 -3.14 32.51
C MSE C 298 11.15 -1.78 32.56
O MSE C 298 11.21 -1.00 31.62
CB MSE C 298 10.84 -4.26 32.28
CG MSE C 298 11.42 -5.50 31.63
SE MSE C 298 10.11 -6.83 31.13
CE MSE C 298 9.76 -7.57 32.87
H MSE C 298 12.32 -4.02 34.21
HA MSE C 298 12.48 -3.14 31.75
HB2 MSE C 298 10.46 -4.52 33.13
HB3 MSE C 298 10.14 -3.92 31.69
HG2 MSE C 298 11.90 -5.25 30.82
HG3 MSE C 298 12.04 -5.92 32.25
HE1 MSE C 298 9.10 -8.27 32.78
HE2 MSE C 298 10.56 -7.93 33.22
HE3 MSE C 298 9.42 -6.88 33.44
N VAL C 299 10.47 -1.50 33.68
CA VAL C 299 9.81 -0.20 33.83
C VAL C 299 10.83 0.95 33.78
N ASN C 300 11.97 0.78 34.44
CA ASN C 300 13.01 1.82 34.44
C ASN C 300 13.56 2.06 33.04
N ALA C 301 13.79 0.97 32.31
CA ALA C 301 14.24 1.08 30.93
C ALA C 301 13.21 1.79 30.05
N SER C 302 11.93 1.65 30.37
N SER C 302 11.94 1.63 30.37
CA SER C 302 10.88 2.29 29.58
CA SER C 302 10.85 2.28 29.64
C SER C 302 10.86 3.81 29.81
C SER C 302 10.92 3.79 29.79
N LYS C 303 11.43 4.24 30.93
CA LYS C 303 11.51 5.67 31.26
C LYS C 303 12.23 6.47 30.19
N VAL C 304 13.25 5.89 29.57
CA VAL C 304 13.99 6.56 28.52
C VAL C 304 13.07 6.83 27.33
N LEU C 305 12.14 5.90 27.06
CA LEU C 305 11.24 6.06 25.93
C LEU C 305 10.35 7.29 26.10
N TYR C 306 9.75 7.41 27.29
CA TYR C 306 8.93 8.57 27.58
C TYR C 306 9.74 9.86 27.49
N ASP C 307 10.96 9.83 28.02
CA ASP C 307 11.83 11.01 27.95
C ASP C 307 11.97 11.44 26.50
N SER C 308 12.20 10.47 25.63
CA SER C 308 12.28 10.73 24.20
C SER C 308 11.00 11.32 23.59
N PHE C 309 9.85 10.74 23.97
CA PHE C 309 8.58 11.23 23.43
C PHE C 309 8.28 12.65 23.87
N TYR C 310 8.61 12.98 25.12
CA TYR C 310 8.39 14.33 25.62
C TYR C 310 9.24 15.37 24.87
N LYS C 311 10.43 14.97 24.44
CA LYS C 311 11.31 15.87 23.70
C LYS C 311 10.85 16.03 22.26
N LYS C 312 10.37 14.93 21.68
CA LYS C 312 10.04 14.89 20.27
C LYS C 312 8.65 15.45 19.98
N TYR C 313 7.70 15.22 20.88
CA TYR C 313 6.31 15.59 20.66
C TYR C 313 5.87 16.66 21.66
N ASP C 314 5.48 17.83 21.15
CA ASP C 314 5.05 18.91 22.03
C ASP C 314 3.67 18.63 22.66
N TRP C 315 2.94 17.66 22.11
CA TRP C 315 1.64 17.28 22.65
C TRP C 315 1.72 16.20 23.72
N ALA C 316 2.85 15.49 23.79
CA ALA C 316 2.93 14.27 24.60
C ALA C 316 2.78 14.51 26.12
N LYS C 317 3.41 15.55 26.66
CA LYS C 317 3.32 15.83 28.09
C LYS C 317 1.89 16.03 28.53
N ASP C 318 1.16 16.88 27.81
CA ASP C 318 -0.21 17.22 28.18
C ASP C 318 -1.14 16.04 27.94
N VAL C 319 -0.91 15.28 26.88
CA VAL C 319 -1.75 14.11 26.63
C VAL C 319 -1.55 13.05 27.71
N VAL C 320 -0.32 12.78 28.10
CA VAL C 320 -0.12 11.78 29.15
C VAL C 320 -0.68 12.29 30.48
N GLN C 321 -0.58 13.59 30.71
CA GLN C 321 -1.17 14.17 31.90
C GLN C 321 -2.70 14.00 31.91
N LYS C 322 -3.34 14.21 30.76
CA LYS C 322 -4.79 14.03 30.67
C LYS C 322 -5.17 12.56 30.86
N ILE C 323 -4.34 11.66 30.33
CA ILE C 323 -4.58 10.23 30.51
C ILE C 323 -4.49 9.89 32.01
N ASN C 324 -3.49 10.41 32.69
CA ASN C 324 -3.34 10.15 34.13
C ASN C 324 -4.47 10.72 34.96
N GLU C 325 -5.00 11.87 34.52
CA GLU C 325 -6.12 12.49 35.23
C GLU C 325 -7.42 11.69 35.03
N ALA C 326 -7.46 10.89 33.97
CA ALA C 326 -8.62 10.05 33.66
C ALA C 326 -8.65 8.75 34.46
N LYS C 327 -7.53 8.38 35.05
CA LYS C 327 -7.42 7.13 35.80
C LYS C 327 -8.23 7.19 37.09
O6A 2UF D . -4.45 -10.53 -9.23
C6 2UF D . -5.18 -11.37 -9.77
O6B 2UF D . -5.30 -12.56 -9.44
C5 2UF D . -5.98 -10.90 -11.00
O5 2UF D . -6.21 -12.01 -11.85
C4 2UF D . -7.34 -10.29 -10.59
O4 2UF D . -7.12 -9.09 -9.83
C3 2UF D . -8.19 -10.00 -11.84
O3 2UF D . -7.46 -9.25 -12.86
C2 2UF D . -9.47 -9.23 -11.48
O2 2UF D . -10.30 -9.34 -12.62
C1 2UF D . -10.23 -9.88 -10.28
O1 2UF D . -11.48 -9.18 -10.13
S SO4 E . -15.27 6.94 -5.57
O1 SO4 E . -15.89 7.13 -6.89
O2 SO4 E . -14.94 8.25 -5.02
O3 SO4 E . -14.06 6.14 -5.64
O4 SO4 E . -16.23 6.25 -4.71
O1 MES F . 3.81 5.95 -12.34
C2 MES F . 3.08 6.58 -13.47
C3 MES F . 2.17 7.73 -12.99
N4 MES F . 1.52 7.38 -11.72
C5 MES F . 2.25 6.64 -10.69
C6 MES F . 2.86 5.45 -11.41
C7 MES F . 0.39 8.18 -11.25
C8 MES F . -0.77 7.20 -11.39
S MES F . -1.34 6.74 -9.90
O1S MES F . -2.32 7.73 -9.40
O2S MES F . -2.00 5.39 -9.99
O3S MES F . -0.15 6.66 -9.01
O6A 2UF G . 9.08 8.46 -3.05
C6 2UF G . 10.28 8.73 -3.32
O6B 2UF G . 11.18 7.90 -3.58
C5 2UF G . 10.63 10.23 -3.48
O5 2UF G . 12.01 10.39 -3.23
C4 2UF G . 10.28 10.68 -4.93
O4 2UF G . 8.85 10.67 -5.10
C3 2UF G . 10.80 12.13 -5.17
O3 2UF G . 10.34 13.03 -4.12
C2 2UF G . 10.31 12.75 -6.47
O2 2UF G . 11.12 13.94 -6.68
C1 2UF G . 10.48 11.79 -7.66
O1 2UF G . 10.12 12.46 -8.89
S SO4 H . -3.85 19.55 13.97
O1 SO4 H . -4.32 20.93 13.94
O2 SO4 H . -4.67 18.79 14.92
O3 SO4 H . -4.00 18.96 12.65
O4 SO4 H . -2.46 19.49 14.40
O6A 2UF I . 0.63 -8.17 14.69
C6 2UF I . 0.53 -7.92 15.92
O6B 2UF I . 1.34 -8.31 16.77
C5 2UF I . -0.66 -7.05 16.42
O5 2UF I . -0.91 -7.45 17.80
C4 2UF I . -0.27 -5.58 16.37
O4 2UF I . -0.04 -5.21 15.00
C3 2UF I . -1.35 -4.70 17.03
O3 2UF I . -2.66 -5.00 16.48
C2 2UF I . -1.12 -3.20 16.89
O2 2UF I . -1.98 -2.52 17.84
C1 2UF I . 0.37 -2.82 17.17
O1 2UF I . 0.44 -1.38 17.18
S SO4 J . -7.76 -6.46 35.65
O1 SO4 J . -8.37 -5.17 35.85
O2 SO4 J . -8.74 -7.30 34.93
O3 SO4 J . -6.50 -6.42 34.88
O4 SO4 J . -7.48 -7.05 36.97
S SO4 K . -15.58 -17.75 9.11
O1 SO4 K . -15.28 -17.87 10.53
O2 SO4 K . -16.49 -16.64 8.88
O3 SO4 K . -16.19 -19.01 8.65
O4 SO4 K . -14.34 -17.52 8.38
C1 PEG L . -14.99 6.07 20.04
O1 PEG L . -14.17 7.05 20.65
C2 PEG L . -16.40 6.61 19.96
O2 PEG L . -16.86 6.71 21.30
C3 PEG L . -18.26 6.62 21.47
C4 PEG L . -18.52 6.92 22.93
O4 PEG L . -19.13 8.20 23.01
C1 PEG M . 12.96 -6.42 9.43
O1 PEG M . 12.33 -7.49 10.11
C2 PEG M . 13.92 -5.76 10.40
O2 PEG M . 13.11 -4.95 11.30
C3 PEG M . 13.90 -3.99 11.96
C4 PEG M . 12.95 -2.89 12.41
O4 PEG M . 13.28 -2.80 13.78
C1 PEG N . 6.06 -0.07 7.55
O1 PEG N . 5.80 1.29 7.84
C2 PEG N . 6.23 -0.86 8.86
O2 PEG N . 7.16 -0.13 9.66
C3 PEG N . 7.52 -0.84 10.85
C4 PEG N . 8.31 0.09 11.78
O4 PEG N . 9.17 0.94 11.02
#